data_4BY0
#
_entry.id   4BY0
#
_cell.length_a   124.167
_cell.length_b   124.167
_cell.length_c   119.839
_cell.angle_alpha   90.00
_cell.angle_beta   90.00
_cell.angle_gamma   120.00
#
_symmetry.space_group_name_H-M   'P 32 2 1'
#
loop_
_entity.id
_entity.type
_entity.pdbx_description
1 polymer 'STEROL 14-ALPHA DEMETHYLASE'
2 non-polymer 'PROTOPORPHYRIN IX CONTAINING FE'
3 non-polymer "(R)-N-(3-(1H-indol-3-yl)-1-oxo-1-(pyridin-4-ylamino)propan-2-yl)-3,3'-difluoro-(1,1'-biphenyl)-4-carboxamide"
4 water water
#
_entity_poly.entity_id   1
_entity_poly.type   'polypeptide(L)'
_entity_poly.pdbx_seq_one_letter_code
;MAKKTSSKGKLPPVYPVTVPFLGHIVQFGKNPLEFMQRCKRDLKSGVFTISIGGQRVTIVGDPHEHSRFFSPRNEILSPR
EVYTIMTPVFGEGVAYAAPYPRMREQLNFLAEELTIAKFQNFVPAIQHEVRKFMAENWKEDEGVINLLEDCGAMIINTAC
QCLFGEDLRKRLNARHFAQLLSKMESSLIPAAVFMPWLLRLPLPQSARCREARAELQKILGEIIVAREKEEASKDNNTSD
LLGGLLKAVYRDGTRMSLHEVCGMIVAAMFAGQHTSTITTSWSMLHLMHPKNKKWLDKLHKEIDEFPAQLNYDNVMDEMP
FAERCVRESIRRDPPLLMVMRMVKAEVKVGSYVVPKGDIIACSPLLSHHDEEAFPNPRLWDPERDEKVDGAFIGFGAGVH
KCIGQKFALLQVKTILATAFREYDFQLLRDEVPDPDYHTMVVGPTLNQCLVKYTRKKKLPSHHHHHH
;
_entity_poly.pdbx_strand_id   A,B
#
# COMPACT_ATOMS: atom_id res chain seq x y z
N LYS A 10 20.36 4.12 -33.78
CA LYS A 10 19.50 5.36 -33.87
C LYS A 10 18.55 5.56 -32.67
N LEU A 11 19.06 6.09 -31.56
CA LEU A 11 18.24 6.32 -30.34
C LEU A 11 17.09 7.27 -30.68
N PRO A 12 15.91 7.05 -30.09
CA PRO A 12 14.84 7.94 -30.50
C PRO A 12 15.01 9.30 -29.85
N PRO A 13 14.46 10.34 -30.48
CA PRO A 13 14.48 11.69 -29.92
C PRO A 13 14.17 11.63 -28.45
N VAL A 14 14.68 12.58 -27.70
CA VAL A 14 14.29 12.73 -26.31
C VAL A 14 13.72 14.12 -26.16
N TYR A 15 12.52 14.23 -25.62
CA TYR A 15 11.94 15.54 -25.34
C TYR A 15 12.86 16.17 -24.30
N PRO A 16 13.45 17.36 -24.58
CA PRO A 16 14.48 17.74 -23.62
C PRO A 16 13.87 17.98 -22.25
N VAL A 17 14.63 17.67 -21.21
CA VAL A 17 14.13 17.76 -19.84
C VAL A 17 14.44 19.12 -19.23
N THR A 18 13.39 19.92 -19.07
CA THR A 18 13.51 21.30 -18.58
C THR A 18 13.71 21.45 -17.07
N VAL A 19 13.07 20.61 -16.27
CA VAL A 19 13.18 20.69 -14.80
C VAL A 19 13.79 19.36 -14.33
N PRO A 20 14.87 19.40 -13.50
CA PRO A 20 15.69 18.18 -13.53
C PRO A 20 15.03 16.84 -13.22
N PHE A 21 14.11 16.75 -12.26
CA PHE A 21 13.65 15.42 -11.82
C PHE A 21 12.19 15.04 -12.07
N LEU A 22 11.28 16.01 -12.21
CA LEU A 22 9.84 15.69 -12.18
C LEU A 22 8.96 16.15 -13.35
N GLY A 23 9.47 16.99 -14.24
CA GLY A 23 8.61 17.69 -15.22
C GLY A 23 7.70 16.84 -16.09
N HIS A 24 8.23 15.75 -16.60
CA HIS A 24 7.45 14.90 -17.47
C HIS A 24 6.38 14.24 -16.65
N ILE A 25 6.74 13.73 -15.48
CA ILE A 25 5.78 13.03 -14.64
C ILE A 25 4.68 14.00 -14.33
N VAL A 26 5.06 15.22 -14.01
CA VAL A 26 4.09 16.25 -13.76
C VAL A 26 3.32 16.62 -15.02
N GLN A 27 4.02 16.83 -16.11
CA GLN A 27 3.40 17.33 -17.32
C GLN A 27 2.40 16.30 -17.84
N PHE A 28 2.78 15.03 -17.76
CA PHE A 28 1.93 13.94 -18.22
C PHE A 28 0.67 13.85 -17.38
N GLY A 29 0.81 14.07 -16.08
CA GLY A 29 -0.32 13.97 -15.18
C GLY A 29 -1.45 14.91 -15.60
N LYS A 30 -1.10 16.15 -15.94
CA LYS A 30 -2.13 17.15 -16.25
C LYS A 30 -2.88 16.83 -17.54
N ASN A 31 -2.13 16.59 -18.62
CA ASN A 31 -2.76 16.17 -19.86
C ASN A 31 -1.87 15.28 -20.70
N PRO A 32 -1.85 14.00 -20.36
CA PRO A 32 -1.00 13.04 -21.05
C PRO A 32 -1.21 12.99 -22.54
N LEU A 33 -2.45 13.05 -23.00
CA LEU A 33 -2.67 12.88 -24.42
C LEU A 33 -2.01 14.00 -25.19
N GLU A 34 -2.29 15.22 -24.74
CA GLU A 34 -1.74 16.42 -25.34
C GLU A 34 -0.23 16.47 -25.17
N PHE A 35 0.22 16.05 -23.99
CA PHE A 35 1.63 16.03 -23.70
C PHE A 35 2.33 15.09 -24.66
N MET A 36 1.77 13.91 -24.75
CA MET A 36 2.39 12.89 -25.54
C MET A 36 2.43 13.33 -26.98
N GLN A 37 1.31 13.86 -27.42
CA GLN A 37 1.22 14.29 -28.77
C GLN A 37 2.27 15.35 -29.00
N ARG A 38 2.49 16.17 -27.98
CA ARG A 38 3.43 17.25 -28.10
C ARG A 38 4.77 16.70 -28.53
N CYS A 39 5.18 15.63 -27.88
CA CYS A 39 6.45 15.04 -28.21
C CYS A 39 6.40 14.48 -29.63
N LYS A 40 5.33 13.78 -29.95
CA LYS A 40 5.12 13.30 -31.32
C LYS A 40 5.30 14.46 -32.31
N ARG A 41 4.69 15.59 -31.97
CA ARG A 41 4.61 16.81 -32.79
C ARG A 41 5.93 17.50 -33.03
N ASP A 42 6.61 17.80 -31.93
CA ASP A 42 7.77 18.67 -31.92
C ASP A 42 9.05 17.87 -32.07
N LEU A 43 8.91 16.55 -32.20
CA LEU A 43 10.03 15.70 -32.58
C LEU A 43 9.71 14.99 -33.89
N LYS A 44 8.53 15.29 -34.44
CA LYS A 44 8.17 14.85 -35.78
C LYS A 44 7.87 13.36 -35.86
N SER A 45 8.86 12.53 -35.53
CA SER A 45 8.65 11.10 -35.60
C SER A 45 8.29 10.56 -34.22
N GLY A 46 7.08 10.05 -34.11
CA GLY A 46 6.51 9.66 -32.84
C GLY A 46 6.98 8.32 -32.31
N VAL A 47 8.26 8.21 -32.04
CA VAL A 47 8.75 7.14 -31.21
C VAL A 47 9.70 7.90 -30.33
N PHE A 48 9.15 8.66 -29.41
CA PHE A 48 9.94 9.57 -28.60
C PHE A 48 10.37 8.87 -27.34
N THR A 49 11.03 9.64 -26.48
CA THR A 49 11.49 9.17 -25.19
C THR A 49 11.44 10.25 -24.12
N ILE A 50 10.29 10.32 -23.48
CA ILE A 50 10.14 11.03 -22.21
C ILE A 50 11.15 10.51 -21.19
N SER A 51 11.52 11.39 -20.26
CA SER A 51 12.20 10.98 -19.03
C SER A 51 11.19 11.20 -17.92
N ILE A 52 11.00 10.20 -17.06
CA ILE A 52 10.11 10.41 -15.94
C ILE A 52 10.89 10.79 -14.72
N GLY A 53 11.50 9.81 -14.06
CA GLY A 53 12.19 10.11 -12.81
C GLY A 53 13.69 10.18 -12.97
N GLY A 54 14.16 10.28 -14.20
CA GLY A 54 15.53 9.91 -14.52
C GLY A 54 15.54 8.51 -15.14
N GLN A 55 14.34 7.99 -15.37
CA GLN A 55 14.15 6.77 -16.11
C GLN A 55 13.93 7.18 -17.52
N ARG A 56 14.77 6.73 -18.42
CA ARG A 56 14.51 6.94 -19.83
C ARG A 56 13.27 6.11 -20.09
N VAL A 57 12.22 6.73 -20.61
CA VAL A 57 11.01 5.99 -20.94
C VAL A 57 10.68 6.21 -22.39
N THR A 58 10.55 5.13 -23.15
CA THR A 58 10.33 5.29 -24.58
C THR A 58 8.94 4.83 -24.96
N ILE A 59 8.21 5.72 -25.58
CA ILE A 59 6.83 5.48 -25.88
C ILE A 59 6.79 5.17 -27.34
N VAL A 60 6.11 4.11 -27.71
CA VAL A 60 5.95 3.79 -29.10
C VAL A 60 4.66 4.38 -29.57
N GLY A 61 4.77 5.49 -30.30
CA GLY A 61 3.60 6.29 -30.61
C GLY A 61 2.98 5.90 -31.92
N ASP A 62 3.54 4.89 -32.58
CA ASP A 62 3.16 4.59 -33.94
C ASP A 62 2.38 3.31 -33.99
N PRO A 63 1.20 3.36 -34.60
CA PRO A 63 0.39 2.19 -34.77
C PRO A 63 1.09 1.13 -35.57
N HIS A 64 1.83 1.57 -36.57
CA HIS A 64 2.49 0.63 -37.44
C HIS A 64 3.50 -0.21 -36.66
N GLU A 65 4.17 0.41 -35.70
CA GLU A 65 5.25 -0.28 -34.99
C GLU A 65 4.78 -0.89 -33.67
N HIS A 66 3.47 -1.01 -33.49
CA HIS A 66 2.92 -1.66 -32.31
C HIS A 66 3.49 -3.06 -32.19
N SER A 67 3.43 -3.74 -33.32
CA SER A 67 3.71 -5.14 -33.41
C SER A 67 5.02 -5.43 -32.73
N ARG A 68 5.94 -4.49 -32.85
CA ARG A 68 7.20 -4.63 -32.20
C ARG A 68 7.00 -4.60 -30.70
N PHE A 69 6.02 -3.85 -30.21
CA PHE A 69 5.76 -3.85 -28.77
C PHE A 69 5.15 -5.14 -28.25
N PHE A 70 4.20 -5.71 -28.98
CA PHE A 70 3.60 -6.97 -28.56
C PHE A 70 3.96 -8.04 -29.57
N SER A 71 4.52 -9.15 -29.08
CA SER A 71 5.25 -10.11 -29.91
C SER A 71 6.50 -10.52 -29.14
N PRO A 72 7.49 -9.58 -28.97
CA PRO A 72 8.63 -10.09 -28.20
C PRO A 72 8.27 -10.72 -26.87
N ARG A 73 8.86 -11.88 -26.60
CA ARG A 73 8.59 -12.64 -25.39
C ARG A 73 9.23 -11.99 -24.20
N ASN A 74 8.77 -12.36 -23.02
CA ASN A 74 9.12 -11.63 -21.81
C ASN A 74 10.60 -11.54 -21.66
N GLU A 75 11.27 -12.65 -21.87
CA GLU A 75 12.72 -12.65 -21.76
C GLU A 75 13.35 -11.56 -22.63
N ILE A 76 12.58 -10.95 -23.54
CA ILE A 76 13.03 -9.75 -24.23
C ILE A 76 12.29 -8.49 -23.74
N LEU A 77 11.00 -8.61 -23.42
CA LEU A 77 10.23 -7.50 -22.86
C LEU A 77 9.28 -8.02 -21.79
N SER A 78 9.70 -7.85 -20.54
CA SER A 78 9.01 -8.43 -19.41
C SER A 78 8.17 -7.36 -18.73
N PRO A 79 6.90 -7.67 -18.36
CA PRO A 79 6.23 -6.69 -17.55
C PRO A 79 6.50 -6.97 -16.07
N ARG A 80 7.19 -8.07 -15.81
CA ARG A 80 7.38 -8.49 -14.45
C ARG A 80 8.06 -7.38 -13.70
N GLU A 81 9.06 -6.77 -14.32
CA GLU A 81 9.79 -5.70 -13.65
C GLU A 81 8.98 -4.45 -13.34
N VAL A 82 8.22 -3.98 -14.32
CA VAL A 82 7.42 -2.76 -14.15
C VAL A 82 6.20 -2.93 -13.25
N TYR A 83 5.57 -4.10 -13.28
CA TYR A 83 4.31 -4.30 -12.56
C TYR A 83 4.52 -4.81 -11.15
N THR A 84 5.75 -4.73 -10.70
CA THR A 84 6.13 -5.32 -9.44
C THR A 84 5.22 -4.84 -8.33
N ILE A 85 4.77 -3.60 -8.41
CA ILE A 85 3.99 -3.01 -7.35
C ILE A 85 2.81 -3.90 -6.96
N MET A 86 2.39 -4.74 -7.89
CA MET A 86 1.23 -5.58 -7.65
C MET A 86 1.51 -6.70 -6.70
N THR A 87 2.78 -6.97 -6.49
CA THR A 87 3.19 -8.20 -5.85
C THR A 87 2.57 -8.40 -4.50
N PRO A 88 2.47 -7.33 -3.68
CA PRO A 88 1.80 -7.63 -2.42
C PRO A 88 0.38 -8.07 -2.63
N VAL A 89 -0.27 -7.50 -3.64
CA VAL A 89 -1.68 -7.76 -3.89
C VAL A 89 -1.97 -9.18 -4.38
N PHE A 90 -1.35 -9.60 -5.49
CA PHE A 90 -1.58 -10.93 -6.01
C PHE A 90 -0.88 -11.93 -5.14
N GLY A 91 0.27 -11.56 -4.60
CA GLY A 91 0.99 -12.37 -3.63
C GLY A 91 2.40 -12.63 -4.11
N GLU A 92 3.32 -12.90 -3.18
CA GLU A 92 4.68 -13.20 -3.57
C GLU A 92 4.66 -14.41 -4.46
N GLY A 93 5.36 -14.33 -5.56
CA GLY A 93 5.51 -15.47 -6.42
C GLY A 93 4.23 -15.77 -7.16
N VAL A 94 3.18 -15.00 -6.92
CA VAL A 94 1.90 -15.35 -7.50
C VAL A 94 1.76 -15.08 -8.98
N ALA A 95 2.18 -13.94 -9.52
CA ALA A 95 1.83 -13.66 -10.91
C ALA A 95 2.98 -13.21 -11.76
N TYR A 96 3.23 -11.91 -11.75
CA TYR A 96 4.44 -11.37 -12.33
C TYR A 96 5.57 -11.66 -11.38
N ALA A 97 5.23 -12.06 -10.14
CA ALA A 97 6.21 -12.43 -9.13
C ALA A 97 6.52 -13.91 -9.19
N ALA A 98 6.01 -14.58 -10.22
CA ALA A 98 6.32 -15.97 -10.42
C ALA A 98 7.13 -16.09 -11.71
N PRO A 99 8.15 -16.96 -11.73
CA PRO A 99 8.92 -17.11 -12.96
C PRO A 99 8.02 -17.44 -14.14
N TYR A 100 8.40 -16.98 -15.33
CA TYR A 100 7.53 -16.98 -16.49
C TYR A 100 6.93 -18.34 -16.83
N PRO A 101 7.66 -19.47 -16.58
CA PRO A 101 6.92 -20.73 -16.81
C PRO A 101 5.65 -20.78 -16.00
N ARG A 102 5.76 -20.44 -14.72
CA ARG A 102 4.58 -20.45 -13.84
C ARG A 102 3.58 -19.32 -14.14
N MET A 103 4.08 -18.11 -14.36
CA MET A 103 3.20 -16.99 -14.59
C MET A 103 2.35 -17.37 -15.78
N ARG A 104 2.98 -17.80 -16.84
CA ARG A 104 2.26 -18.09 -18.05
C ARG A 104 1.28 -19.17 -17.73
N GLU A 105 1.75 -20.16 -16.98
CA GLU A 105 0.90 -21.27 -16.62
C GLU A 105 -0.25 -20.73 -15.83
N GLN A 106 0.06 -19.87 -14.87
CA GLN A 106 -0.95 -19.35 -13.97
C GLN A 106 -1.98 -18.54 -14.70
N LEU A 107 -1.53 -17.62 -15.55
CA LEU A 107 -2.45 -16.76 -16.24
C LEU A 107 -3.33 -17.61 -17.11
N ASN A 108 -2.73 -18.63 -17.68
CA ASN A 108 -3.43 -19.50 -18.58
C ASN A 108 -4.62 -20.18 -17.89
N PHE A 109 -4.52 -20.45 -16.60
CA PHE A 109 -5.58 -21.12 -15.88
C PHE A 109 -6.79 -20.26 -15.68
N LEU A 110 -6.53 -19.02 -15.27
CA LEU A 110 -7.59 -18.03 -15.19
C LEU A 110 -8.28 -17.94 -16.54
N ALA A 111 -7.49 -17.74 -17.59
CA ALA A 111 -8.06 -17.51 -18.91
C ALA A 111 -9.07 -18.60 -19.19
N GLU A 112 -8.68 -19.83 -18.91
CA GLU A 112 -9.54 -21.00 -19.08
C GLU A 112 -10.82 -20.95 -18.25
N GLU A 113 -10.83 -20.19 -17.15
CA GLU A 113 -12.07 -19.99 -16.41
C GLU A 113 -12.96 -18.91 -17.03
N LEU A 114 -12.38 -18.00 -17.82
CA LEU A 114 -13.14 -16.90 -18.44
C LEU A 114 -13.31 -17.11 -19.91
N THR A 115 -13.34 -18.36 -20.34
CA THR A 115 -13.55 -18.65 -21.74
C THR A 115 -15.02 -18.68 -21.94
N ILE A 116 -15.41 -18.43 -23.18
CA ILE A 116 -16.82 -18.43 -23.61
C ILE A 116 -17.57 -19.76 -23.34
N ALA A 117 -16.84 -20.86 -23.22
CA ALA A 117 -17.46 -22.06 -22.71
C ALA A 117 -17.94 -21.84 -21.28
N LYS A 118 -17.12 -21.25 -20.44
CA LYS A 118 -17.48 -21.17 -19.03
C LYS A 118 -18.65 -20.21 -18.73
N PHE A 119 -19.34 -19.75 -19.79
CA PHE A 119 -20.45 -18.77 -19.69
C PHE A 119 -21.88 -19.37 -19.78
N GLN A 120 -22.01 -20.70 -19.81
CA GLN A 120 -23.28 -21.31 -20.18
C GLN A 120 -24.45 -20.69 -19.43
N ASN A 121 -24.30 -20.47 -18.13
CA ASN A 121 -25.41 -19.97 -17.34
C ASN A 121 -25.37 -18.49 -17.02
N PHE A 122 -24.34 -17.80 -17.49
CA PHE A 122 -24.04 -16.48 -16.96
C PHE A 122 -25.08 -15.41 -17.21
N VAL A 123 -25.60 -15.36 -18.41
CA VAL A 123 -26.35 -14.18 -18.81
C VAL A 123 -27.50 -13.96 -17.85
N PRO A 124 -28.28 -15.02 -17.55
CA PRO A 124 -29.38 -14.70 -16.66
C PRO A 124 -28.84 -14.23 -15.34
N ALA A 125 -27.83 -14.90 -14.82
CA ALA A 125 -27.30 -14.46 -13.54
C ALA A 125 -27.02 -12.96 -13.57
N ILE A 126 -26.25 -12.50 -14.56
CA ILE A 126 -25.89 -11.08 -14.57
C ILE A 126 -27.18 -10.30 -14.86
N GLN A 127 -27.98 -10.76 -15.84
CA GLN A 127 -29.25 -10.10 -16.17
C GLN A 127 -30.14 -9.95 -14.95
N HIS A 128 -30.07 -10.93 -14.06
CA HIS A 128 -30.79 -10.84 -12.81
C HIS A 128 -30.26 -9.66 -12.01
N GLU A 129 -29.04 -9.78 -11.52
CA GLU A 129 -28.47 -8.77 -10.64
C GLU A 129 -28.80 -7.33 -11.05
N VAL A 130 -28.90 -7.08 -12.34
CA VAL A 130 -29.23 -5.77 -12.84
C VAL A 130 -30.70 -5.47 -12.56
N ARG A 131 -31.57 -6.33 -13.04
CA ARG A 131 -32.98 -6.13 -12.80
C ARG A 131 -33.17 -6.00 -11.31
N LYS A 132 -32.41 -6.76 -10.55
CA LYS A 132 -32.46 -6.64 -9.12
C LYS A 132 -31.96 -5.29 -8.63
N PHE A 133 -30.81 -4.86 -9.14
CA PHE A 133 -30.19 -3.66 -8.58
C PHE A 133 -31.02 -2.43 -8.84
N MET A 134 -31.49 -2.31 -10.06
CA MET A 134 -32.15 -1.10 -10.47
C MET A 134 -33.38 -1.00 -9.60
N ALA A 135 -34.12 -2.10 -9.53
CA ALA A 135 -35.38 -2.12 -8.84
C ALA A 135 -35.17 -1.64 -7.44
N GLU A 136 -34.09 -2.10 -6.84
CA GLU A 136 -33.78 -1.72 -5.48
C GLU A 136 -33.26 -0.29 -5.35
N ASN A 137 -32.54 0.23 -6.35
CA ASN A 137 -32.00 1.58 -6.23
C ASN A 137 -32.67 2.65 -7.08
N TRP A 138 -33.61 2.24 -7.92
CA TRP A 138 -34.33 3.19 -8.75
C TRP A 138 -35.82 2.92 -8.61
N LYS A 139 -36.36 3.13 -7.41
CA LYS A 139 -37.74 2.76 -7.10
C LYS A 139 -38.74 3.60 -7.85
N GLU A 140 -38.51 4.91 -7.87
CA GLU A 140 -39.48 5.84 -8.42
C GLU A 140 -39.54 5.72 -9.92
N ASP A 141 -40.63 6.18 -10.51
CA ASP A 141 -40.74 6.15 -11.96
C ASP A 141 -39.55 6.89 -12.56
N GLU A 142 -39.16 7.99 -11.95
CA GLU A 142 -37.92 8.63 -12.36
C GLU A 142 -37.20 9.22 -11.17
N GLY A 143 -35.90 9.42 -11.34
CA GLY A 143 -35.02 9.84 -10.24
C GLY A 143 -33.66 10.24 -10.77
N VAL A 144 -32.79 10.68 -9.88
CA VAL A 144 -31.45 11.08 -10.30
C VAL A 144 -30.41 10.27 -9.57
N ILE A 145 -29.47 9.72 -10.34
CA ILE A 145 -28.47 8.85 -9.79
C ILE A 145 -27.13 9.18 -10.40
N ASN A 146 -26.07 8.73 -9.73
CA ASN A 146 -24.77 8.83 -10.34
C ASN A 146 -24.53 7.58 -11.12
N LEU A 147 -24.23 7.75 -12.40
CA LEU A 147 -24.04 6.61 -13.27
C LEU A 147 -22.78 5.80 -12.96
N LEU A 148 -21.66 6.48 -12.77
CA LEU A 148 -20.42 5.79 -12.60
C LEU A 148 -20.53 4.81 -11.45
N GLU A 149 -21.13 5.26 -10.38
CA GLU A 149 -21.20 4.46 -9.20
C GLU A 149 -22.08 3.24 -9.41
N ASP A 150 -23.25 3.44 -9.99
CA ASP A 150 -24.18 2.32 -10.13
C ASP A 150 -23.73 1.28 -11.14
N CYS A 151 -23.08 1.72 -12.20
CA CYS A 151 -22.40 0.79 -13.06
C CYS A 151 -21.40 0.05 -12.23
N GLY A 152 -20.69 0.82 -11.39
CA GLY A 152 -19.69 0.25 -10.53
C GLY A 152 -20.28 -0.79 -9.62
N ALA A 153 -21.49 -0.56 -9.15
CA ALA A 153 -22.13 -1.51 -8.24
C ALA A 153 -22.59 -2.73 -8.99
N MET A 154 -23.18 -2.54 -10.16
CA MET A 154 -23.66 -3.66 -10.93
C MET A 154 -22.50 -4.52 -11.38
N ILE A 155 -21.42 -3.89 -11.84
CA ILE A 155 -20.30 -4.65 -12.36
C ILE A 155 -19.82 -5.60 -11.29
N ILE A 156 -19.57 -5.06 -10.12
CA ILE A 156 -19.04 -5.86 -9.07
C ILE A 156 -20.08 -6.87 -8.68
N ASN A 157 -21.31 -6.42 -8.54
CA ASN A 157 -22.35 -7.31 -8.05
C ASN A 157 -22.44 -8.45 -9.01
N THR A 158 -22.56 -8.13 -10.29
CA THR A 158 -22.77 -9.15 -11.29
C THR A 158 -21.66 -10.18 -11.31
N ALA A 159 -20.42 -9.74 -11.20
CA ALA A 159 -19.30 -10.65 -11.35
C ALA A 159 -19.44 -11.70 -10.30
N CYS A 160 -19.79 -11.28 -9.10
CA CYS A 160 -19.89 -12.22 -8.02
C CYS A 160 -20.94 -13.25 -8.30
N GLN A 161 -22.00 -12.84 -8.95
CA GLN A 161 -23.09 -13.77 -9.23
C GLN A 161 -22.60 -14.88 -10.14
N CYS A 162 -21.79 -14.51 -11.13
CA CYS A 162 -21.17 -15.44 -12.07
C CYS A 162 -20.06 -16.26 -11.50
N LEU A 163 -19.10 -15.60 -10.85
CA LEU A 163 -17.82 -16.24 -10.61
C LEU A 163 -17.70 -16.85 -9.23
N PHE A 164 -18.75 -16.75 -8.42
CA PHE A 164 -18.64 -17.23 -7.06
C PHE A 164 -19.85 -17.97 -6.59
N GLY A 165 -19.60 -18.94 -5.73
CA GLY A 165 -20.62 -19.84 -5.29
C GLY A 165 -21.40 -19.28 -4.13
N GLU A 166 -22.61 -19.79 -4.03
CA GLU A 166 -23.59 -19.25 -3.11
C GLU A 166 -23.06 -19.24 -1.69
N ASP A 167 -22.43 -20.34 -1.29
CA ASP A 167 -21.91 -20.42 0.05
C ASP A 167 -20.92 -19.29 0.16
N LEU A 168 -20.10 -19.18 -0.87
CA LEU A 168 -19.07 -18.19 -0.86
C LEU A 168 -19.68 -16.82 -0.89
N ARG A 169 -20.66 -16.63 -1.76
CA ARG A 169 -21.27 -15.33 -1.93
C ARG A 169 -21.82 -14.95 -0.60
N LYS A 170 -22.44 -15.92 0.06
CA LYS A 170 -23.06 -15.70 1.36
C LYS A 170 -22.04 -15.34 2.41
N ARG A 171 -20.92 -16.04 2.39
CA ARG A 171 -19.86 -15.83 3.39
C ARG A 171 -19.14 -14.50 3.18
N LEU A 172 -19.04 -14.04 1.94
CA LEU A 172 -18.48 -12.74 1.66
C LEU A 172 -19.24 -12.10 0.54
N ASN A 173 -20.12 -11.16 0.86
CA ASN A 173 -20.93 -10.55 -0.16
C ASN A 173 -20.17 -9.45 -0.87
N ALA A 174 -20.74 -9.01 -2.00
CA ALA A 174 -20.04 -8.17 -2.96
C ALA A 174 -19.55 -6.90 -2.35
N ARG A 175 -20.40 -6.28 -1.54
CA ARG A 175 -20.08 -4.98 -1.03
C ARG A 175 -18.80 -5.13 -0.23
N HIS A 176 -18.73 -6.19 0.56
CA HIS A 176 -17.55 -6.38 1.37
C HIS A 176 -16.31 -6.61 0.51
N PHE A 177 -16.49 -7.35 -0.56
CA PHE A 177 -15.40 -7.58 -1.49
C PHE A 177 -14.96 -6.22 -1.96
N ALA A 178 -15.93 -5.39 -2.30
CA ALA A 178 -15.62 -4.14 -2.93
C ALA A 178 -14.72 -3.35 -2.02
N GLN A 179 -15.08 -3.32 -0.76
CA GLN A 179 -14.28 -2.62 0.19
C GLN A 179 -12.96 -3.34 0.30
N LEU A 180 -13.02 -4.66 0.24
CA LEU A 180 -11.81 -5.44 0.34
C LEU A 180 -10.89 -5.03 -0.76
N LEU A 181 -11.43 -5.01 -1.96
CA LEU A 181 -10.62 -4.69 -3.12
C LEU A 181 -10.05 -3.30 -3.00
N SER A 182 -10.88 -2.37 -2.56
CA SER A 182 -10.49 -1.00 -2.55
C SER A 182 -9.27 -0.83 -1.67
N LYS A 183 -9.26 -1.55 -0.55
CA LYS A 183 -8.16 -1.43 0.37
C LYS A 183 -6.88 -1.78 -0.34
N MET A 184 -6.99 -2.68 -1.29
CA MET A 184 -5.83 -3.16 -1.99
C MET A 184 -5.27 -2.10 -2.94
N GLU A 185 -6.10 -1.33 -3.63
CA GLU A 185 -5.53 -0.24 -4.45
C GLU A 185 -5.04 0.86 -3.53
N SER A 186 -5.73 1.03 -2.38
CA SER A 186 -5.28 1.93 -1.33
C SER A 186 -3.77 1.82 -1.22
N SER A 187 -3.26 0.60 -1.39
CA SER A 187 -1.83 0.35 -1.48
C SER A 187 -1.16 1.01 -2.68
N LEU A 188 -1.75 0.82 -3.84
CA LEU A 188 -1.02 0.98 -5.08
C LEU A 188 -0.54 2.41 -5.30
N ILE A 189 0.63 2.54 -5.88
CA ILE A 189 1.18 3.84 -6.26
C ILE A 189 1.75 3.71 -7.66
N PRO A 190 1.22 4.46 -8.65
CA PRO A 190 1.68 4.14 -10.01
C PRO A 190 3.04 4.77 -10.35
N ALA A 191 4.08 4.16 -9.81
CA ALA A 191 5.44 4.52 -10.12
C ALA A 191 5.88 3.77 -11.36
N ALA A 192 4.98 2.96 -11.93
CA ALA A 192 5.33 1.91 -12.86
C ALA A 192 6.32 2.38 -13.89
N VAL A 193 6.16 3.62 -14.33
CA VAL A 193 7.10 4.20 -15.29
C VAL A 193 8.51 4.25 -14.72
N PHE A 194 8.70 4.65 -13.47
CA PHE A 194 10.00 4.43 -12.84
C PHE A 194 9.87 3.60 -11.59
N MET A 195 8.70 3.00 -11.48
CA MET A 195 8.24 2.45 -10.26
C MET A 195 9.26 1.46 -9.78
N PRO A 196 9.93 0.72 -10.71
CA PRO A 196 10.58 -0.42 -10.14
C PRO A 196 11.64 -0.01 -9.17
N TRP A 197 12.45 0.95 -9.57
CA TRP A 197 13.62 1.28 -8.80
C TRP A 197 13.16 1.84 -7.46
N LEU A 198 12.05 2.55 -7.49
CA LEU A 198 11.71 3.36 -6.36
C LEU A 198 11.56 2.51 -5.13
N LEU A 199 11.47 1.20 -5.28
CA LEU A 199 11.19 0.37 -4.13
C LEU A 199 12.41 0.20 -3.27
N ARG A 200 12.46 1.02 -2.23
CA ARG A 200 13.54 1.00 -1.28
C ARG A 200 12.94 0.47 -0.02
N LEU A 201 12.26 1.31 0.75
CA LEU A 201 11.70 0.88 2.02
C LEU A 201 10.26 1.30 2.16
N PRO A 202 9.49 1.20 1.09
CA PRO A 202 8.21 1.87 1.01
C PRO A 202 7.35 1.56 2.22
N LEU A 203 6.57 2.56 2.64
CA LEU A 203 5.73 2.43 3.84
C LEU A 203 4.69 1.37 3.57
N PRO A 204 4.16 0.73 4.64
CA PRO A 204 3.21 -0.32 4.35
C PRO A 204 1.93 0.31 3.84
N GLN A 205 2.02 0.79 2.60
CA GLN A 205 0.86 0.95 1.77
C GLN A 205 0.20 -0.43 1.72
N SER A 206 1.03 -1.47 1.79
CA SER A 206 0.61 -2.85 1.95
C SER A 206 -0.21 -3.01 3.21
N ALA A 207 0.18 -2.29 4.25
CA ALA A 207 -0.36 -2.57 5.56
C ALA A 207 -1.88 -2.61 5.54
N ARG A 208 -2.47 -1.67 4.82
CA ARG A 208 -3.92 -1.63 4.69
C ARG A 208 -4.42 -2.81 3.89
N CYS A 209 -3.80 -3.04 2.74
CA CYS A 209 -4.23 -4.07 1.81
C CYS A 209 -3.91 -5.46 2.29
N ARG A 210 -2.68 -5.65 2.71
CA ARG A 210 -2.16 -6.99 2.88
C ARG A 210 -3.07 -7.70 3.86
N GLU A 211 -3.53 -6.95 4.84
CA GLU A 211 -4.48 -7.48 5.78
C GLU A 211 -5.69 -7.99 5.02
N ALA A 212 -6.07 -7.22 4.02
CA ALA A 212 -7.23 -7.54 3.20
C ALA A 212 -7.06 -8.84 2.42
N ARG A 213 -5.86 -9.07 1.90
CA ARG A 213 -5.62 -10.27 1.12
C ARG A 213 -5.84 -11.45 2.06
N ALA A 214 -5.31 -11.34 3.26
CA ALA A 214 -5.36 -12.41 4.25
C ALA A 214 -6.79 -12.77 4.57
N GLU A 215 -7.62 -11.77 4.75
CA GLU A 215 -8.98 -12.01 5.15
C GLU A 215 -9.71 -12.74 4.04
N LEU A 216 -9.39 -12.42 2.79
CA LEU A 216 -9.98 -13.13 1.67
C LEU A 216 -9.54 -14.57 1.68
N GLN A 217 -8.24 -14.76 1.86
CA GLN A 217 -7.69 -16.09 1.77
C GLN A 217 -8.28 -16.92 2.87
N LYS A 218 -8.40 -16.31 4.04
CA LYS A 218 -8.83 -17.00 5.23
C LYS A 218 -10.20 -17.56 4.95
N ILE A 219 -10.99 -16.74 4.30
CA ILE A 219 -12.34 -17.10 3.92
C ILE A 219 -12.31 -18.23 2.91
N LEU A 220 -11.42 -18.10 1.94
CA LEU A 220 -11.40 -19.03 0.84
C LEU A 220 -11.11 -20.40 1.36
N GLY A 221 -10.22 -20.48 2.34
CA GLY A 221 -9.91 -21.76 2.92
C GLY A 221 -11.18 -22.31 3.50
N GLU A 222 -11.87 -21.47 4.24
CA GLU A 222 -12.99 -21.94 5.02
C GLU A 222 -14.06 -22.59 4.18
N ILE A 223 -14.35 -22.05 3.01
CA ILE A 223 -15.34 -22.69 2.16
C ILE A 223 -14.85 -24.05 1.71
N ILE A 224 -13.58 -24.10 1.37
CA ILE A 224 -12.99 -25.31 0.88
C ILE A 224 -13.10 -26.38 1.92
N VAL A 225 -12.74 -26.00 3.14
CA VAL A 225 -12.91 -26.87 4.28
C VAL A 225 -14.39 -27.15 4.44
N ALA A 226 -15.20 -26.11 4.34
CA ALA A 226 -16.62 -26.26 4.54
C ALA A 226 -17.23 -27.08 3.43
N ARG A 227 -16.84 -26.82 2.21
CA ARG A 227 -17.47 -27.48 1.09
C ARG A 227 -17.18 -28.96 1.15
N GLU A 228 -15.94 -29.30 1.44
CA GLU A 228 -15.53 -30.70 1.35
C GLU A 228 -16.26 -31.56 2.37
N LYS A 229 -16.60 -30.97 3.51
CA LYS A 229 -17.30 -31.69 4.56
C LYS A 229 -18.65 -32.18 4.05
N GLU A 230 -19.40 -31.28 3.42
CA GLU A 230 -20.72 -31.63 2.94
C GLU A 230 -20.59 -32.74 1.91
N GLU A 231 -19.66 -32.55 0.99
CA GLU A 231 -19.51 -33.43 -0.17
C GLU A 231 -18.66 -32.73 -1.22
N THR A 238 -19.68 -25.50 -6.57
CA THR A 238 -18.59 -26.45 -6.75
C THR A 238 -17.91 -26.27 -8.11
N SER A 239 -18.53 -25.50 -8.99
CA SER A 239 -18.01 -25.24 -10.34
C SER A 239 -17.63 -23.78 -10.54
N ASP A 240 -17.55 -23.01 -9.46
CA ASP A 240 -17.34 -21.60 -9.59
C ASP A 240 -15.92 -21.32 -10.00
N LEU A 241 -15.53 -20.08 -9.92
CA LEU A 241 -14.18 -19.70 -10.21
C LEU A 241 -13.27 -20.40 -9.25
N LEU A 242 -13.59 -20.33 -7.97
CA LEU A 242 -12.72 -20.96 -6.98
C LEU A 242 -12.69 -22.44 -7.26
N GLY A 243 -13.86 -23.02 -7.50
CA GLY A 243 -13.94 -24.44 -7.67
C GLY A 243 -13.07 -24.86 -8.83
N GLY A 244 -13.16 -24.12 -9.93
CA GLY A 244 -12.42 -24.46 -11.14
C GLY A 244 -10.91 -24.33 -11.10
N LEU A 245 -10.42 -23.33 -10.39
CA LEU A 245 -8.99 -23.14 -10.29
C LEU A 245 -8.36 -24.29 -9.53
N LEU A 246 -9.11 -24.85 -8.59
CA LEU A 246 -8.54 -25.91 -7.79
C LEU A 246 -8.26 -27.15 -8.61
N LYS A 247 -9.11 -27.41 -9.59
CA LYS A 247 -8.97 -28.55 -10.45
C LYS A 247 -7.72 -28.49 -11.28
N ALA A 248 -7.19 -27.31 -11.48
CA ALA A 248 -6.02 -27.11 -12.33
C ALA A 248 -4.76 -27.76 -11.84
N VAL A 249 -3.95 -28.16 -12.83
CA VAL A 249 -2.70 -28.86 -12.64
C VAL A 249 -1.63 -28.28 -13.55
N TYR A 250 -0.45 -28.09 -13.00
CA TYR A 250 0.67 -27.56 -13.75
C TYR A 250 1.19 -28.61 -14.71
N ARG A 251 2.08 -28.19 -15.60
CA ARG A 251 2.61 -29.12 -16.59
C ARG A 251 3.43 -30.19 -15.93
N ASP A 252 4.13 -29.88 -14.86
CA ASP A 252 4.88 -30.92 -14.17
C ASP A 252 3.90 -31.82 -13.48
N GLY A 253 2.82 -31.26 -12.94
CA GLY A 253 1.86 -32.08 -12.18
C GLY A 253 1.49 -31.65 -10.76
N THR A 254 1.96 -30.50 -10.30
CA THR A 254 1.49 -29.99 -9.02
C THR A 254 0.23 -29.16 -9.20
N ARG A 255 -0.59 -29.11 -8.15
CA ARG A 255 -1.81 -28.32 -8.15
C ARG A 255 -1.43 -26.90 -7.67
N MET A 256 -2.38 -25.96 -7.74
CA MET A 256 -2.17 -24.62 -7.17
C MET A 256 -2.32 -24.63 -5.67
N SER A 257 -1.55 -23.75 -5.02
CA SER A 257 -1.59 -23.60 -3.55
C SER A 257 -2.56 -22.52 -3.26
N LEU A 258 -3.54 -22.77 -2.40
CA LEU A 258 -4.57 -21.74 -2.18
C LEU A 258 -4.03 -20.30 -2.13
N HIS A 259 -2.79 -20.10 -1.73
CA HIS A 259 -2.21 -18.78 -1.88
C HIS A 259 -2.29 -18.27 -3.29
N GLU A 260 -1.93 -19.12 -4.23
CA GLU A 260 -1.93 -18.73 -5.63
C GLU A 260 -3.36 -18.65 -6.11
N VAL A 261 -4.22 -19.50 -5.58
CA VAL A 261 -5.61 -19.51 -5.95
C VAL A 261 -6.24 -18.20 -5.56
N CYS A 262 -5.94 -17.75 -4.36
CA CYS A 262 -6.54 -16.54 -3.86
C CYS A 262 -6.06 -15.39 -4.72
N GLY A 263 -4.81 -15.39 -5.11
CA GLY A 263 -4.30 -14.33 -5.95
C GLY A 263 -5.00 -14.25 -7.28
N MET A 264 -5.19 -15.38 -7.91
CA MET A 264 -5.76 -15.35 -9.24
C MET A 264 -7.15 -14.82 -9.21
N ILE A 265 -7.85 -15.13 -8.13
CA ILE A 265 -9.18 -14.60 -7.93
C ILE A 265 -9.13 -13.10 -7.76
N VAL A 266 -8.16 -12.63 -7.01
CA VAL A 266 -8.03 -11.22 -6.83
C VAL A 266 -7.81 -10.59 -8.19
N ALA A 267 -6.99 -11.20 -9.01
CA ALA A 267 -6.73 -10.63 -10.32
C ALA A 267 -8.03 -10.50 -11.05
N ALA A 268 -8.88 -11.51 -10.94
CA ALA A 268 -10.09 -11.52 -11.72
C ALA A 268 -10.96 -10.36 -11.34
N MET A 269 -11.13 -10.17 -10.04
CA MET A 269 -11.94 -9.07 -9.58
C MET A 269 -11.26 -7.74 -9.80
N PHE A 270 -9.94 -7.73 -9.67
CA PHE A 270 -9.21 -6.50 -9.82
C PHE A 270 -9.24 -5.89 -11.22
N ALA A 271 -9.05 -6.70 -12.23
CA ALA A 271 -8.96 -6.18 -13.57
C ALA A 271 -10.25 -5.54 -13.99
N GLY A 272 -11.34 -6.20 -13.64
CA GLY A 272 -12.63 -5.77 -14.09
C GLY A 272 -13.16 -4.52 -13.46
N GLN A 273 -12.81 -4.32 -12.18
CA GLN A 273 -13.57 -3.41 -11.33
C GLN A 273 -13.69 -2.04 -11.92
N HIS A 274 -12.60 -1.48 -12.43
CA HIS A 274 -12.68 -0.13 -12.93
C HIS A 274 -12.84 -0.10 -14.43
N THR A 275 -12.14 -0.98 -15.12
CA THR A 275 -12.14 -0.93 -16.56
C THR A 275 -13.55 -1.18 -17.07
N SER A 276 -14.19 -2.19 -16.51
CA SER A 276 -15.50 -2.56 -16.98
C SER A 276 -16.50 -1.49 -16.63
N THR A 277 -16.39 -0.97 -15.41
CA THR A 277 -17.29 0.08 -14.93
C THR A 277 -17.21 1.29 -15.82
N ILE A 278 -16.00 1.77 -16.00
CA ILE A 278 -15.75 2.89 -16.86
C ILE A 278 -16.27 2.65 -18.26
N THR A 279 -16.09 1.42 -18.75
CA THR A 279 -16.52 1.06 -20.11
C THR A 279 -18.01 1.07 -20.19
N THR A 280 -18.67 0.38 -19.26
CA THR A 280 -20.10 0.31 -19.30
C THR A 280 -20.57 1.73 -19.30
N SER A 281 -20.03 2.52 -18.38
CA SER A 281 -20.56 3.84 -18.15
C SER A 281 -20.45 4.70 -19.37
N TRP A 282 -19.26 4.80 -19.94
CA TRP A 282 -19.07 5.66 -21.10
C TRP A 282 -20.09 5.30 -22.13
N SER A 283 -20.26 4.00 -22.32
CA SER A 283 -21.06 3.49 -23.38
C SER A 283 -22.48 3.92 -23.21
N MET A 284 -22.94 3.92 -21.98
CA MET A 284 -24.27 4.45 -21.70
C MET A 284 -24.24 5.94 -21.94
N LEU A 285 -23.16 6.59 -21.52
CA LEU A 285 -23.09 8.02 -21.63
C LEU A 285 -23.21 8.44 -23.06
N HIS A 286 -22.45 7.82 -23.95
CA HIS A 286 -22.50 8.21 -25.34
C HIS A 286 -23.86 7.89 -25.97
N LEU A 287 -24.41 6.74 -25.63
CA LEU A 287 -25.65 6.31 -26.27
C LEU A 287 -26.86 7.17 -25.92
N MET A 288 -26.94 7.62 -24.68
CA MET A 288 -28.04 8.48 -24.27
C MET A 288 -27.95 9.86 -24.90
N HIS A 289 -26.75 10.37 -25.11
CA HIS A 289 -26.62 11.73 -25.55
C HIS A 289 -27.40 11.92 -26.84
N PRO A 290 -27.99 13.09 -27.02
CA PRO A 290 -28.88 13.39 -28.14
C PRO A 290 -28.26 13.36 -29.53
N LYS A 291 -26.99 13.63 -29.64
CA LYS A 291 -26.31 13.52 -30.90
C LYS A 291 -26.53 12.10 -31.43
N ASN A 292 -26.51 11.15 -30.52
CA ASN A 292 -26.40 9.73 -30.84
C ASN A 292 -27.72 9.01 -30.89
N LYS A 293 -28.81 9.74 -31.09
CA LYS A 293 -30.12 9.12 -31.16
C LYS A 293 -30.05 8.01 -32.18
N LYS A 294 -29.38 8.32 -33.28
CA LYS A 294 -29.29 7.42 -34.40
C LYS A 294 -28.81 6.08 -33.93
N TRP A 295 -27.73 6.11 -33.18
CA TRP A 295 -27.12 4.90 -32.70
C TRP A 295 -28.04 4.21 -31.74
N LEU A 296 -28.71 4.99 -30.91
CA LEU A 296 -29.54 4.39 -29.90
C LEU A 296 -30.69 3.64 -30.54
N ASP A 297 -31.25 4.22 -31.58
CA ASP A 297 -32.35 3.58 -32.25
C ASP A 297 -31.89 2.28 -32.85
N LYS A 298 -30.68 2.28 -33.37
CA LYS A 298 -30.14 1.08 -33.98
C LYS A 298 -30.07 -0.01 -32.95
N LEU A 299 -29.63 0.35 -31.77
CA LEU A 299 -29.45 -0.63 -30.74
C LEU A 299 -30.79 -1.28 -30.48
N HIS A 300 -31.81 -0.46 -30.36
CA HIS A 300 -33.09 -0.95 -29.91
C HIS A 300 -33.68 -1.96 -30.86
N LYS A 301 -33.50 -1.72 -32.16
CA LYS A 301 -33.99 -2.65 -33.15
C LYS A 301 -33.31 -3.97 -32.92
N GLU A 302 -32.04 -3.86 -32.58
CA GLU A 302 -31.25 -5.01 -32.28
C GLU A 302 -31.81 -5.78 -31.11
N ILE A 303 -32.14 -5.08 -30.04
CA ILE A 303 -32.44 -5.74 -28.77
C ILE A 303 -33.93 -5.86 -28.50
N ASP A 304 -34.73 -5.17 -29.30
CA ASP A 304 -36.14 -5.04 -28.97
C ASP A 304 -36.94 -6.32 -29.11
N GLU A 305 -36.49 -7.25 -29.94
CA GLU A 305 -37.20 -8.50 -30.07
C GLU A 305 -36.62 -9.55 -29.14
N PHE A 306 -35.68 -9.17 -28.28
CA PHE A 306 -35.08 -10.14 -27.38
C PHE A 306 -36.07 -10.62 -26.36
N PRO A 307 -36.09 -11.93 -26.06
CA PRO A 307 -37.05 -12.32 -25.02
C PRO A 307 -36.74 -11.74 -23.65
N ALA A 308 -37.78 -11.44 -22.90
CA ALA A 308 -37.61 -10.79 -21.62
C ALA A 308 -36.55 -11.51 -20.87
N GLN A 309 -36.70 -12.82 -20.80
CA GLN A 309 -35.61 -13.62 -20.29
C GLN A 309 -34.51 -13.47 -21.29
N LEU A 310 -33.28 -13.30 -20.82
CA LEU A 310 -32.17 -13.13 -21.74
C LEU A 310 -31.24 -14.30 -21.57
N ASN A 311 -30.69 -14.76 -22.66
CA ASN A 311 -29.89 -15.94 -22.64
C ASN A 311 -28.71 -15.74 -23.52
N TYR A 312 -27.77 -16.65 -23.33
CA TYR A 312 -26.40 -16.51 -23.79
C TYR A 312 -26.37 -16.09 -25.24
N ASP A 313 -27.22 -16.71 -26.03
CA ASP A 313 -27.17 -16.51 -27.44
C ASP A 313 -27.51 -15.10 -27.83
N ASN A 314 -28.49 -14.50 -27.17
CA ASN A 314 -28.88 -13.14 -27.55
C ASN A 314 -27.69 -12.26 -27.38
N VAL A 315 -27.00 -12.42 -26.26
CA VAL A 315 -25.86 -11.58 -25.97
C VAL A 315 -24.61 -11.94 -26.75
N MET A 316 -24.26 -13.21 -26.75
CA MET A 316 -22.99 -13.58 -27.32
C MET A 316 -23.05 -13.51 -28.83
N ASP A 317 -24.19 -13.92 -29.39
CA ASP A 317 -24.37 -14.05 -30.83
C ASP A 317 -25.14 -12.94 -31.48
N GLU A 318 -26.18 -12.48 -30.81
CA GLU A 318 -27.14 -11.60 -31.45
C GLU A 318 -26.95 -10.13 -31.16
N MET A 319 -25.76 -9.73 -30.72
CA MET A 319 -25.53 -8.34 -30.37
C MET A 319 -24.24 -7.80 -30.99
N PRO A 320 -24.12 -7.87 -32.32
CA PRO A 320 -22.85 -7.38 -32.87
C PRO A 320 -22.68 -5.88 -32.75
N PHE A 321 -23.77 -5.13 -32.86
CA PHE A 321 -23.65 -3.69 -32.82
C PHE A 321 -23.21 -3.22 -31.47
N ALA A 322 -23.93 -3.69 -30.47
CA ALA A 322 -23.71 -3.24 -29.13
C ALA A 322 -22.24 -3.40 -28.86
N GLU A 323 -21.70 -4.51 -29.32
CA GLU A 323 -20.31 -4.77 -29.12
C GLU A 323 -19.56 -3.64 -29.76
N ARG A 324 -20.02 -3.25 -30.93
CA ARG A 324 -19.34 -2.21 -31.66
C ARG A 324 -19.26 -1.00 -30.79
N CYS A 325 -20.38 -0.70 -30.15
CA CYS A 325 -20.50 0.47 -29.30
C CYS A 325 -19.55 0.43 -28.13
N VAL A 326 -19.39 -0.73 -27.53
CA VAL A 326 -18.51 -0.84 -26.41
C VAL A 326 -17.10 -0.63 -26.87
N ARG A 327 -16.76 -1.21 -28.01
CA ARG A 327 -15.38 -1.18 -28.49
C ARG A 327 -14.95 0.24 -28.80
N GLU A 328 -15.82 1.03 -29.41
CA GLU A 328 -15.49 2.41 -29.68
C GLU A 328 -15.31 3.18 -28.39
N SER A 329 -16.18 2.89 -27.43
CA SER A 329 -16.12 3.61 -26.18
C SER A 329 -14.75 3.41 -25.62
N ILE A 330 -14.29 2.18 -25.61
CA ILE A 330 -12.94 1.89 -25.19
C ILE A 330 -11.92 2.52 -26.11
N ARG A 331 -12.21 2.50 -27.39
CA ARG A 331 -11.30 3.07 -28.34
C ARG A 331 -11.13 4.55 -28.10
N ARG A 332 -12.24 5.26 -27.91
CA ARG A 332 -12.17 6.71 -27.79
C ARG A 332 -11.50 7.15 -26.51
N ASP A 333 -11.90 6.57 -25.38
CA ASP A 333 -11.30 6.95 -24.10
C ASP A 333 -10.89 5.70 -23.32
N PRO A 334 -9.76 5.08 -23.69
CA PRO A 334 -9.51 3.77 -23.09
C PRO A 334 -9.25 3.80 -21.59
N PRO A 335 -9.74 2.77 -20.83
CA PRO A 335 -9.52 2.93 -19.41
C PRO A 335 -8.08 2.91 -19.01
N LEU A 336 -7.23 2.15 -19.70
CA LEU A 336 -5.84 2.05 -19.28
C LEU A 336 -4.98 2.80 -20.24
N LEU A 337 -4.37 3.87 -19.78
CA LEU A 337 -3.75 4.82 -20.72
C LEU A 337 -2.53 4.27 -21.40
N MET A 338 -1.78 3.39 -20.74
CA MET A 338 -0.65 2.79 -21.42
C MET A 338 -0.05 1.55 -20.78
N VAL A 339 0.82 0.90 -21.55
CA VAL A 339 1.39 -0.40 -21.22
C VAL A 339 2.89 -0.29 -21.25
N MET A 340 3.57 -0.86 -20.26
CA MET A 340 5.04 -0.79 -20.26
C MET A 340 5.68 -2.15 -20.12
N ARG A 341 6.90 -2.24 -20.63
CA ARG A 341 7.71 -3.44 -20.53
C ARG A 341 9.05 -2.94 -20.11
N MET A 342 9.86 -3.84 -19.56
CA MET A 342 11.20 -3.48 -19.20
C MET A 342 12.08 -4.08 -20.24
N VAL A 343 13.00 -3.29 -20.75
CA VAL A 343 13.81 -3.74 -21.84
C VAL A 343 14.95 -4.49 -21.22
N LYS A 344 14.95 -5.79 -21.37
CA LYS A 344 16.04 -6.60 -20.89
C LYS A 344 17.00 -6.91 -22.03
N ALA A 345 16.69 -6.41 -23.22
CA ALA A 345 17.58 -6.58 -24.34
C ALA A 345 17.30 -5.46 -25.30
N GLU A 346 18.34 -5.00 -25.99
CA GLU A 346 18.19 -4.00 -27.03
C GLU A 346 17.32 -4.59 -28.15
N VAL A 347 16.43 -3.76 -28.68
CA VAL A 347 15.49 -4.20 -29.67
C VAL A 347 15.30 -3.06 -30.64
N LYS A 348 14.91 -3.37 -31.87
CA LYS A 348 14.80 -2.36 -32.91
C LYS A 348 13.36 -2.11 -33.33
N VAL A 349 12.92 -0.88 -33.17
CA VAL A 349 11.59 -0.48 -33.56
C VAL A 349 11.71 0.44 -34.75
N GLY A 350 11.30 -0.04 -35.92
CA GLY A 350 11.45 0.75 -37.14
C GLY A 350 12.89 1.22 -37.27
N SER A 351 13.05 2.53 -37.41
CA SER A 351 14.37 3.10 -37.64
C SER A 351 15.22 3.10 -36.37
N TYR A 352 14.59 3.33 -35.21
CA TYR A 352 15.34 3.55 -33.97
C TYR A 352 15.78 2.24 -33.32
N VAL A 353 16.42 2.37 -32.17
CA VAL A 353 16.78 1.25 -31.35
C VAL A 353 16.61 1.68 -29.91
N VAL A 354 16.09 0.80 -29.06
CA VAL A 354 15.79 1.17 -27.70
C VAL A 354 16.68 0.44 -26.73
N PRO A 355 17.37 1.21 -25.90
CA PRO A 355 18.37 0.69 -25.01
C PRO A 355 17.83 -0.46 -24.21
N LYS A 356 18.72 -1.33 -23.75
CA LYS A 356 18.38 -2.27 -22.71
C LYS A 356 18.18 -1.38 -21.51
N GLY A 357 17.28 -1.76 -20.60
CA GLY A 357 17.12 -1.05 -19.33
C GLY A 357 16.27 0.22 -19.42
N ASP A 358 15.75 0.49 -20.61
CA ASP A 358 14.89 1.61 -20.83
C ASP A 358 13.54 0.97 -20.62
N ILE A 359 12.73 1.51 -19.74
CA ILE A 359 11.35 1.08 -19.67
C ILE A 359 10.77 1.48 -21.00
N ILE A 360 10.03 0.58 -21.63
CA ILE A 360 9.43 0.90 -22.92
C ILE A 360 7.93 0.71 -22.82
N ALA A 361 7.19 1.67 -23.34
CA ALA A 361 5.75 1.71 -23.14
C ALA A 361 5.01 1.83 -24.46
N CYS A 362 3.75 1.44 -24.43
CA CYS A 362 2.89 1.64 -25.57
C CYS A 362 1.57 2.15 -25.04
N SER A 363 1.02 3.19 -25.65
CA SER A 363 -0.20 3.79 -25.12
C SER A 363 -1.44 3.63 -25.99
N PRO A 364 -2.46 2.92 -25.46
CA PRO A 364 -3.76 2.94 -26.09
C PRO A 364 -4.28 4.36 -26.29
N LEU A 365 -4.13 5.19 -25.27
CA LEU A 365 -4.70 6.51 -25.33
C LEU A 365 -4.19 7.29 -26.52
N LEU A 366 -2.91 7.20 -26.80
CA LEU A 366 -2.34 7.97 -27.90
C LEU A 366 -2.66 7.38 -29.26
N SER A 367 -2.11 6.19 -29.51
CA SER A 367 -2.39 5.47 -30.72
C SER A 367 -3.85 5.57 -31.16
N HIS A 368 -4.81 5.53 -30.21
CA HIS A 368 -6.25 5.65 -30.53
C HIS A 368 -6.69 7.04 -30.99
N HIS A 369 -5.75 8.00 -30.96
CA HIS A 369 -5.96 9.36 -31.46
C HIS A 369 -5.00 9.77 -32.57
N ASP A 370 -4.07 8.90 -32.93
CA ASP A 370 -3.35 9.04 -34.21
C ASP A 370 -4.39 9.16 -35.35
N GLU A 371 -4.41 10.33 -36.00
CA GLU A 371 -5.48 10.72 -36.92
C GLU A 371 -5.48 9.92 -38.22
N GLU A 372 -4.33 9.35 -38.57
CA GLU A 372 -4.23 8.49 -39.75
C GLU A 372 -5.09 7.23 -39.58
N ALA A 373 -4.94 6.59 -38.41
CA ALA A 373 -5.67 5.36 -38.05
C ALA A 373 -7.05 5.61 -37.45
N PHE A 374 -7.24 6.71 -36.74
CA PHE A 374 -8.54 7.08 -36.18
C PHE A 374 -8.88 8.54 -36.46
N PRO A 375 -9.23 8.87 -37.73
CA PRO A 375 -9.43 10.30 -37.98
C PRO A 375 -10.72 10.81 -37.37
N ASN A 376 -10.71 12.07 -36.98
CA ASN A 376 -11.73 12.59 -36.12
C ASN A 376 -11.78 11.71 -34.89
N PRO A 377 -10.61 11.57 -34.23
CA PRO A 377 -10.61 10.61 -33.14
C PRO A 377 -11.62 10.92 -32.08
N ARG A 378 -11.94 12.17 -31.84
CA ARG A 378 -12.86 12.51 -30.77
C ARG A 378 -14.32 12.26 -31.07
N LEU A 379 -14.62 11.95 -32.33
CA LEU A 379 -15.97 11.59 -32.68
C LEU A 379 -16.16 10.17 -32.28
N TRP A 380 -17.21 9.87 -31.55
CA TRP A 380 -17.46 8.51 -31.13
C TRP A 380 -18.36 7.86 -32.11
N ASP A 381 -17.80 7.12 -33.04
CA ASP A 381 -18.60 6.47 -34.08
C ASP A 381 -18.54 5.00 -33.79
N PRO A 382 -19.69 4.36 -33.46
CA PRO A 382 -19.53 2.93 -33.28
C PRO A 382 -19.23 2.17 -34.56
N GLU A 383 -19.50 2.76 -35.73
CA GLU A 383 -19.35 2.01 -36.97
C GLU A 383 -18.00 2.14 -37.66
N ARG A 384 -17.06 2.85 -37.04
CA ARG A 384 -15.76 3.05 -37.66
C ARG A 384 -14.91 1.79 -37.54
N ASP A 385 -13.84 1.73 -38.32
CA ASP A 385 -12.91 0.61 -38.27
C ASP A 385 -11.52 1.13 -38.47
N GLU A 386 -10.58 0.65 -37.66
CA GLU A 386 -9.23 1.17 -37.66
C GLU A 386 -8.64 1.14 -39.03
N LYS A 387 -7.92 2.19 -39.38
CA LYS A 387 -7.28 2.26 -40.68
C LYS A 387 -5.81 1.88 -40.56
N VAL A 388 -5.42 1.32 -39.44
CA VAL A 388 -4.18 0.60 -39.35
C VAL A 388 -4.41 -0.60 -38.46
N ASP A 389 -3.94 -1.76 -38.86
CA ASP A 389 -4.20 -2.96 -38.07
C ASP A 389 -3.45 -2.91 -36.75
N GLY A 390 -4.12 -3.37 -35.71
CA GLY A 390 -3.53 -3.41 -34.38
C GLY A 390 -3.38 -2.02 -33.80
N ALA A 391 -4.12 -1.06 -34.36
CA ALA A 391 -4.12 0.30 -33.86
C ALA A 391 -5.02 0.31 -32.67
N PHE A 392 -6.15 -0.38 -32.78
CA PHE A 392 -6.93 -0.64 -31.59
C PHE A 392 -6.18 -1.67 -30.77
N ILE A 393 -5.85 -1.27 -29.55
CA ILE A 393 -5.12 -2.04 -28.59
C ILE A 393 -5.76 -1.89 -27.22
N GLY A 394 -7.05 -1.58 -27.20
CA GLY A 394 -7.73 -1.28 -25.95
C GLY A 394 -7.65 -2.45 -24.99
N PHE A 395 -7.52 -3.64 -25.56
CA PHE A 395 -7.31 -4.89 -24.82
C PHE A 395 -5.91 -5.46 -25.09
N GLY A 396 -4.96 -4.59 -25.38
CA GLY A 396 -3.62 -5.04 -25.57
C GLY A 396 -3.56 -5.88 -26.82
N ALA A 397 -2.53 -6.70 -26.91
CA ALA A 397 -2.22 -7.43 -28.13
C ALA A 397 -1.08 -8.45 -27.96
N GLY A 398 -0.93 -9.29 -28.97
CA GLY A 398 0.12 -10.29 -29.00
C GLY A 398 0.15 -11.06 -27.71
N VAL A 399 1.34 -11.37 -27.22
CA VAL A 399 1.45 -12.29 -26.10
C VAL A 399 0.45 -11.93 -25.01
N HIS A 400 0.64 -10.77 -24.38
CA HIS A 400 -0.24 -10.38 -23.27
C HIS A 400 -1.55 -9.70 -23.71
N LYS A 401 -2.36 -10.43 -24.49
CA LYS A 401 -3.74 -10.04 -24.77
C LYS A 401 -4.53 -10.06 -23.47
N CYS A 402 -5.44 -9.11 -23.30
CA CYS A 402 -6.32 -9.21 -22.17
C CYS A 402 -6.95 -10.62 -22.22
N ILE A 403 -6.95 -11.32 -21.07
CA ILE A 403 -7.66 -12.60 -20.90
C ILE A 403 -9.09 -12.52 -20.34
N GLY A 404 -9.53 -11.33 -19.94
CA GLY A 404 -10.87 -11.16 -19.39
C GLY A 404 -11.80 -10.41 -20.31
N GLN A 405 -11.28 -9.95 -21.43
CA GLN A 405 -12.10 -9.11 -22.27
C GLN A 405 -13.41 -9.79 -22.69
N LYS A 406 -13.37 -11.05 -23.03
CA LYS A 406 -14.58 -11.71 -23.48
C LYS A 406 -15.57 -11.67 -22.34
N PHE A 407 -15.08 -11.92 -21.13
CA PHE A 407 -15.95 -11.91 -19.99
C PHE A 407 -16.53 -10.53 -19.82
N ALA A 408 -15.68 -9.55 -19.92
CA ALA A 408 -16.12 -8.20 -19.67
C ALA A 408 -17.22 -7.80 -20.61
N LEU A 409 -16.98 -8.04 -21.90
CA LEU A 409 -17.92 -7.63 -22.90
C LEU A 409 -19.24 -8.24 -22.57
N LEU A 410 -19.17 -9.49 -22.14
CA LEU A 410 -20.37 -10.20 -21.86
C LEU A 410 -21.14 -9.40 -20.85
N GLN A 411 -20.43 -8.96 -19.83
CA GLN A 411 -21.03 -8.15 -18.75
C GLN A 411 -21.64 -6.88 -19.26
N VAL A 412 -20.96 -6.24 -20.19
CA VAL A 412 -21.36 -4.94 -20.59
C VAL A 412 -22.60 -5.04 -21.42
N LYS A 413 -22.53 -5.88 -22.45
CA LYS A 413 -23.59 -6.02 -23.43
C LYS A 413 -24.88 -6.43 -22.75
N THR A 414 -24.78 -7.19 -21.68
CA THR A 414 -25.96 -7.59 -20.95
C THR A 414 -26.51 -6.38 -20.22
N ILE A 415 -25.68 -5.71 -19.44
CA ILE A 415 -26.15 -4.48 -18.75
C ILE A 415 -26.84 -3.49 -19.71
N LEU A 416 -26.32 -3.35 -20.92
CA LEU A 416 -26.89 -2.40 -21.87
C LEU A 416 -28.29 -2.84 -22.30
N ALA A 417 -28.39 -4.05 -22.81
CA ALA A 417 -29.70 -4.59 -23.21
C ALA A 417 -30.72 -4.53 -22.09
N THR A 418 -30.28 -4.81 -20.88
CA THR A 418 -31.18 -4.85 -19.76
C THR A 418 -31.59 -3.46 -19.33
N ALA A 419 -30.64 -2.54 -19.26
CA ALA A 419 -30.95 -1.21 -18.76
C ALA A 419 -31.79 -0.41 -19.76
N PHE A 420 -31.35 -0.36 -21.01
CA PHE A 420 -32.06 0.44 -22.00
C PHE A 420 -33.44 -0.12 -22.26
N ARG A 421 -33.55 -1.43 -22.18
CA ARG A 421 -34.78 -2.11 -22.51
C ARG A 421 -35.93 -1.67 -21.63
N GLU A 422 -35.66 -1.48 -20.36
CA GLU A 422 -36.71 -1.08 -19.42
C GLU A 422 -36.53 0.32 -18.90
N TYR A 423 -35.58 1.07 -19.45
CA TYR A 423 -35.37 2.41 -18.97
C TYR A 423 -34.94 3.31 -20.08
N ASP A 424 -35.12 4.60 -19.86
CA ASP A 424 -34.60 5.63 -20.74
C ASP A 424 -33.84 6.59 -19.87
N PHE A 425 -32.78 7.16 -20.42
CA PHE A 425 -31.88 7.96 -19.63
C PHE A 425 -31.67 9.31 -20.22
N GLN A 426 -31.52 10.29 -19.34
CA GLN A 426 -31.34 11.67 -19.74
C GLN A 426 -30.11 12.19 -19.04
N LEU A 427 -29.22 12.79 -19.81
CA LEU A 427 -27.91 13.19 -19.34
C LEU A 427 -27.93 14.60 -18.79
N LEU A 428 -27.81 14.76 -17.48
CA LEU A 428 -27.92 16.09 -16.88
C LEU A 428 -26.59 16.80 -16.97
N ARG A 429 -26.12 16.98 -18.17
CA ARG A 429 -24.95 17.77 -18.43
C ARG A 429 -25.23 18.07 -19.86
N ASP A 430 -24.72 19.19 -20.37
CA ASP A 430 -24.98 19.50 -21.74
C ASP A 430 -24.19 18.55 -22.61
N GLU A 431 -22.97 18.24 -22.21
CA GLU A 431 -22.10 17.45 -23.04
C GLU A 431 -21.63 16.23 -22.30
N VAL A 432 -21.21 15.25 -23.08
CA VAL A 432 -20.72 14.01 -22.52
C VAL A 432 -19.54 14.34 -21.63
N PRO A 433 -19.36 13.60 -20.53
CA PRO A 433 -18.33 14.09 -19.63
C PRO A 433 -16.94 14.14 -20.18
N ASP A 434 -16.10 14.74 -19.36
CA ASP A 434 -14.73 15.00 -19.65
C ASP A 434 -13.99 13.93 -18.87
N PRO A 435 -12.94 13.39 -19.47
CA PRO A 435 -12.17 12.35 -18.77
C PRO A 435 -11.44 12.89 -17.56
N ASP A 436 -11.56 12.17 -16.44
CA ASP A 436 -10.77 12.50 -15.26
C ASP A 436 -9.47 11.68 -15.22
N TYR A 437 -8.37 12.35 -15.56
CA TYR A 437 -7.08 11.70 -15.69
C TYR A 437 -6.38 11.64 -14.37
N HIS A 438 -7.06 12.01 -13.31
CA HIS A 438 -6.41 12.07 -12.03
C HIS A 438 -6.64 10.78 -11.31
N THR A 439 -6.98 9.74 -12.06
CA THR A 439 -7.16 8.45 -11.46
C THR A 439 -6.27 7.43 -12.12
N MET A 440 -6.07 6.34 -11.39
CA MET A 440 -5.21 5.24 -11.82
C MET A 440 -5.74 4.61 -13.12
N VAL A 441 -7.05 4.39 -13.16
CA VAL A 441 -7.71 3.93 -14.35
C VAL A 441 -8.64 5.04 -14.74
N VAL A 442 -8.60 5.43 -16.00
CA VAL A 442 -9.17 6.71 -16.38
C VAL A 442 -10.58 6.60 -16.88
N GLY A 443 -11.44 7.46 -16.34
CA GLY A 443 -12.86 7.38 -16.59
C GLY A 443 -13.59 8.72 -16.71
N PRO A 444 -14.91 8.67 -16.99
CA PRO A 444 -15.62 9.93 -17.04
C PRO A 444 -15.62 10.58 -15.68
N THR A 445 -15.62 11.90 -15.63
CA THR A 445 -15.55 12.60 -14.36
C THR A 445 -16.78 12.33 -13.53
N LEU A 446 -16.58 12.05 -12.26
CA LEU A 446 -17.66 11.56 -11.44
C LEU A 446 -18.81 12.53 -11.34
N ASN A 447 -18.49 13.82 -11.23
CA ASN A 447 -19.53 14.87 -11.17
C ASN A 447 -20.33 15.06 -12.46
N GLN A 448 -19.70 14.89 -13.61
CA GLN A 448 -20.40 15.07 -14.89
C GLN A 448 -21.46 14.01 -15.08
N CYS A 449 -21.34 12.95 -14.29
CA CYS A 449 -22.04 11.70 -14.56
C CYS A 449 -23.46 11.67 -14.10
N LEU A 450 -23.94 12.77 -13.55
CA LEU A 450 -25.29 12.76 -13.05
C LEU A 450 -26.20 12.50 -14.20
N VAL A 451 -27.23 11.72 -13.94
CA VAL A 451 -28.00 11.19 -15.03
C VAL A 451 -29.38 10.86 -14.52
N LYS A 452 -30.35 10.90 -15.41
CA LYS A 452 -31.74 10.81 -15.02
C LYS A 452 -32.45 9.68 -15.70
N TYR A 453 -33.32 8.98 -14.96
CA TYR A 453 -33.92 7.77 -15.50
C TYR A 453 -35.43 7.69 -15.45
N THR A 454 -36.05 7.21 -16.53
CA THR A 454 -37.50 7.14 -16.60
C THR A 454 -38.07 5.76 -16.96
N ARG A 455 -38.61 5.08 -15.95
CA ARG A 455 -39.16 3.74 -16.13
C ARG A 455 -40.07 3.72 -17.33
N LYS A 456 -39.89 2.76 -18.22
CA LYS A 456 -40.76 2.67 -19.40
C LYS A 456 -42.12 2.08 -19.04
N LYS B 10 39.99 17.31 4.94
CA LYS B 10 39.24 17.28 6.23
C LYS B 10 38.01 16.38 6.19
N LEU B 11 37.44 16.17 5.00
CA LEU B 11 36.19 15.36 4.84
C LEU B 11 36.42 13.84 5.01
N PRO B 12 35.32 13.04 5.14
CA PRO B 12 35.56 11.62 5.31
C PRO B 12 35.36 10.79 4.05
N PRO B 13 35.69 9.49 4.13
CA PRO B 13 35.72 8.66 2.93
C PRO B 13 34.40 8.55 2.23
N VAL B 14 34.44 8.78 0.92
CA VAL B 14 33.27 8.67 0.07
C VAL B 14 33.09 7.22 -0.37
N TYR B 15 31.98 6.93 -1.01
CA TYR B 15 31.79 5.61 -1.60
C TYR B 15 31.50 5.74 -3.08
N PRO B 16 32.20 4.94 -3.88
CA PRO B 16 32.23 5.15 -5.30
C PRO B 16 30.85 4.96 -5.87
N VAL B 17 30.40 5.90 -6.70
CA VAL B 17 29.11 5.78 -7.32
C VAL B 17 29.36 5.02 -8.58
N THR B 18 28.80 3.83 -8.69
CA THR B 18 28.94 3.05 -9.90
C THR B 18 28.38 3.90 -11.01
N VAL B 19 27.19 4.45 -10.76
CA VAL B 19 26.62 5.45 -11.62
C VAL B 19 25.93 6.50 -10.74
N PRO B 20 26.01 7.80 -11.12
CA PRO B 20 25.59 8.77 -10.10
C PRO B 20 24.14 8.65 -9.63
N PHE B 21 23.20 8.51 -10.55
CA PHE B 21 21.79 8.50 -10.17
C PHE B 21 21.49 7.25 -9.37
N LEU B 22 20.70 7.39 -8.31
CA LEU B 22 20.30 6.23 -7.55
C LEU B 22 21.53 5.47 -7.09
N GLY B 23 22.51 6.19 -6.56
CA GLY B 23 23.84 5.63 -6.35
C GLY B 23 23.90 4.37 -5.50
N HIS B 24 23.40 4.45 -4.27
CA HIS B 24 23.41 3.28 -3.38
C HIS B 24 21.99 2.90 -3.03
N ILE B 25 21.03 3.50 -3.76
CA ILE B 25 19.63 3.27 -3.48
C ILE B 25 19.32 1.81 -3.64
N VAL B 26 19.76 1.24 -4.76
CA VAL B 26 19.60 -0.18 -4.98
C VAL B 26 20.38 -0.92 -3.91
N GLN B 27 21.59 -0.45 -3.68
CA GLN B 27 22.51 -1.10 -2.78
C GLN B 27 22.02 -1.11 -1.33
N PHE B 28 21.60 0.03 -0.84
CA PHE B 28 21.22 0.12 0.55
C PHE B 28 19.99 -0.74 0.81
N GLY B 29 19.05 -0.70 -0.11
CA GLY B 29 17.78 -1.38 0.06
C GLY B 29 17.87 -2.89 0.21
N LYS B 30 18.72 -3.54 -0.58
CA LYS B 30 18.73 -5.01 -0.62
C LYS B 30 19.11 -5.62 0.74
N ASN B 31 20.21 -5.16 1.31
CA ASN B 31 20.45 -5.33 2.74
C ASN B 31 21.19 -4.09 3.21
N PRO B 32 20.50 -3.19 3.96
CA PRO B 32 21.26 -1.99 4.30
C PRO B 32 22.43 -2.36 5.16
N LEU B 33 22.17 -3.24 6.12
CA LEU B 33 23.13 -3.57 7.13
C LEU B 33 24.42 -4.14 6.59
N GLU B 34 24.32 -5.07 5.65
CA GLU B 34 25.48 -5.65 5.04
C GLU B 34 26.25 -4.50 4.41
N PHE B 35 25.50 -3.67 3.73
CA PHE B 35 26.08 -2.61 2.96
C PHE B 35 27.00 -1.78 3.85
N MET B 36 26.48 -1.39 5.00
CA MET B 36 27.21 -0.48 5.86
C MET B 36 28.44 -1.15 6.45
N GLN B 37 28.31 -2.41 6.89
CA GLN B 37 29.45 -3.10 7.48
C GLN B 37 30.56 -3.17 6.44
N ARG B 38 30.17 -3.43 5.19
CA ARG B 38 31.13 -3.47 4.10
C ARG B 38 31.74 -2.10 3.91
N CYS B 39 30.91 -1.07 4.06
CA CYS B 39 31.41 0.29 3.89
C CYS B 39 32.49 0.60 4.92
N LYS B 40 32.29 0.16 6.15
CA LYS B 40 33.31 0.33 7.17
C LYS B 40 34.53 -0.44 6.74
N ARG B 41 34.31 -1.67 6.28
CA ARG B 41 35.41 -2.60 6.02
C ARG B 41 36.33 -2.20 4.87
N ASP B 42 35.78 -1.67 3.79
CA ASP B 42 36.61 -1.24 2.66
C ASP B 42 37.42 0.02 2.99
N LEU B 43 36.85 0.97 3.73
CA LEU B 43 37.60 2.16 4.13
C LEU B 43 37.93 1.99 5.60
N LYS B 44 39.02 2.60 6.03
CA LYS B 44 39.40 2.46 7.43
C LYS B 44 38.37 3.13 8.36
N SER B 45 37.82 4.27 7.90
CA SER B 45 37.04 5.16 8.77
C SER B 45 35.73 4.59 9.29
N GLY B 46 35.48 4.78 10.58
CA GLY B 46 34.18 4.51 11.16
C GLY B 46 33.16 5.46 10.57
N VAL B 47 33.61 6.57 10.03
CA VAL B 47 32.75 7.55 9.40
C VAL B 47 32.99 7.61 7.90
N PHE B 48 31.90 7.59 7.15
CA PHE B 48 31.93 7.57 5.70
C PHE B 48 30.56 8.04 5.24
N THR B 49 30.44 8.41 3.97
CA THR B 49 29.19 8.93 3.48
C THR B 49 28.67 8.08 2.32
N ILE B 50 27.39 7.73 2.34
CA ILE B 50 26.77 7.00 1.24
C ILE B 50 25.70 7.86 0.58
N SER B 51 25.89 8.22 -0.69
CA SER B 51 24.98 9.17 -1.36
C SER B 51 23.79 8.52 -2.06
N ILE B 52 22.83 8.03 -1.27
CA ILE B 52 21.69 7.31 -1.81
C ILE B 52 20.92 8.16 -2.82
N GLY B 53 20.48 9.33 -2.41
CA GLY B 53 19.73 10.18 -3.29
C GLY B 53 20.61 10.75 -4.38
N GLY B 54 21.92 10.74 -4.10
CA GLY B 54 22.86 11.62 -4.74
C GLY B 54 23.11 12.80 -3.80
N GLN B 55 22.16 13.05 -2.92
CA GLN B 55 22.36 14.02 -1.86
C GLN B 55 23.39 13.40 -0.96
N ARG B 56 24.47 14.12 -0.73
CA ARG B 56 25.53 13.61 0.12
C ARG B 56 24.90 13.23 1.44
N VAL B 57 25.20 12.04 1.90
CA VAL B 57 24.68 11.56 3.16
C VAL B 57 25.84 10.96 3.90
N THR B 58 26.02 11.35 5.16
CA THR B 58 27.12 10.85 5.92
C THR B 58 26.58 10.05 7.08
N ILE B 59 27.12 8.86 7.30
CA ILE B 59 26.66 8.03 8.40
C ILE B 59 27.80 7.91 9.39
N VAL B 60 27.47 7.82 10.66
CA VAL B 60 28.49 7.79 11.71
C VAL B 60 28.90 6.36 12.03
N GLY B 61 30.13 6.00 11.66
CA GLY B 61 30.60 4.64 11.83
C GLY B 61 30.87 4.23 13.25
N ASP B 62 31.39 5.12 14.10
CA ASP B 62 31.97 4.70 15.38
C ASP B 62 31.11 5.04 16.61
N PRO B 63 30.75 4.02 17.43
CA PRO B 63 29.96 4.40 18.60
C PRO B 63 30.72 5.37 19.48
N HIS B 64 32.04 5.37 19.35
CA HIS B 64 32.83 6.25 20.17
C HIS B 64 32.47 7.71 19.91
N GLU B 65 32.21 8.04 18.65
CA GLU B 65 31.71 9.37 18.31
C GLU B 65 30.20 9.40 18.44
N HIS B 66 29.66 8.31 18.95
CA HIS B 66 28.24 8.14 19.04
C HIS B 66 27.70 9.28 19.82
N SER B 67 28.39 9.60 20.90
CA SER B 67 27.95 10.65 21.75
C SER B 67 27.83 11.91 20.93
N ARG B 68 28.81 12.15 20.08
CA ARG B 68 28.90 13.42 19.38
C ARG B 68 27.67 13.75 18.55
N PHE B 69 27.16 12.79 17.81
CA PHE B 69 26.06 13.07 16.85
C PHE B 69 24.83 13.58 17.56
N PHE B 70 24.50 12.93 18.67
CA PHE B 70 23.27 13.23 19.33
C PHE B 70 23.26 14.54 20.11
N SER B 71 24.41 14.90 20.69
CA SER B 71 24.45 16.07 21.55
C SER B 71 24.03 17.37 20.84
N PRO B 72 24.59 17.67 19.64
CA PRO B 72 24.35 19.05 19.20
C PRO B 72 22.89 19.44 19.10
N ARG B 73 22.64 20.73 19.27
CA ARG B 73 21.29 21.26 19.43
C ARG B 73 20.61 21.37 18.08
N ASN B 74 19.29 21.45 18.12
CA ASN B 74 18.52 21.33 16.88
C ASN B 74 19.08 22.28 15.88
N GLU B 75 19.58 23.41 16.35
CA GLU B 75 20.05 24.44 15.45
C GLU B 75 21.13 23.92 14.50
N ILE B 76 22.14 23.23 15.04
CA ILE B 76 23.22 22.72 14.20
C ILE B 76 22.73 21.62 13.23
N LEU B 77 22.09 20.62 13.82
CA LEU B 77 21.56 19.49 13.08
C LEU B 77 20.10 19.48 13.41
N SER B 78 19.26 19.72 12.41
CA SER B 78 17.85 19.88 12.61
C SER B 78 17.18 18.61 12.13
N PRO B 79 16.32 17.99 12.97
CA PRO B 79 15.66 16.84 12.41
C PRO B 79 14.46 17.26 11.60
N ARG B 80 14.20 18.55 11.52
CA ARG B 80 12.99 19.01 10.86
C ARG B 80 12.93 18.61 9.40
N GLU B 81 13.96 18.96 8.63
CA GLU B 81 13.88 18.85 7.17
C GLU B 81 13.70 17.40 6.73
N VAL B 82 14.31 16.49 7.48
CA VAL B 82 14.23 15.07 7.19
C VAL B 82 12.83 14.53 7.36
N TYR B 83 12.12 15.00 8.37
CA TYR B 83 10.83 14.44 8.69
C TYR B 83 9.74 15.31 8.07
N THR B 84 10.15 16.16 7.15
CA THR B 84 9.21 16.93 6.39
C THR B 84 8.16 16.01 5.79
N ILE B 85 8.56 14.78 5.53
CA ILE B 85 7.67 13.78 4.96
C ILE B 85 6.37 13.72 5.74
N MET B 86 6.49 14.01 7.03
CA MET B 86 5.46 13.66 7.95
C MET B 86 4.50 14.79 8.29
N THR B 87 4.75 15.95 7.71
CA THR B 87 3.96 17.11 8.03
C THR B 87 2.49 16.83 7.82
N PRO B 88 2.13 16.23 6.67
CA PRO B 88 0.69 16.11 6.48
C PRO B 88 -0.03 15.36 7.57
N VAL B 89 0.55 14.30 8.09
CA VAL B 89 -0.11 13.53 9.11
C VAL B 89 -0.29 14.36 10.36
N PHE B 90 0.81 14.92 10.85
CA PHE B 90 0.73 15.69 12.08
C PHE B 90 -0.06 16.96 11.86
N GLY B 91 0.13 17.55 10.68
CA GLY B 91 -0.52 18.78 10.31
C GLY B 91 0.60 19.80 10.13
N GLU B 92 0.31 20.83 9.36
CA GLU B 92 1.29 21.85 9.12
C GLU B 92 1.58 22.49 10.45
N GLY B 93 2.83 22.91 10.61
CA GLY B 93 3.28 23.49 11.86
C GLY B 93 2.96 22.75 13.15
N VAL B 94 3.05 21.42 13.15
CA VAL B 94 2.67 20.67 14.36
C VAL B 94 3.81 20.15 15.21
N ALA B 95 4.74 19.41 14.63
CA ALA B 95 5.80 18.82 15.44
C ALA B 95 7.13 19.15 14.83
N TYR B 96 7.32 18.70 13.61
CA TYR B 96 8.52 19.03 12.90
C TYR B 96 8.22 20.08 11.89
N ALA B 97 7.00 20.60 11.93
CA ALA B 97 6.66 21.74 11.10
C ALA B 97 6.74 23.01 11.95
N ALA B 98 7.10 22.84 13.22
CA ALA B 98 6.99 23.90 14.18
C ALA B 98 8.37 24.29 14.66
N PRO B 99 8.62 25.58 14.78
CA PRO B 99 9.91 26.07 15.17
C PRO B 99 10.39 25.40 16.43
N TYR B 100 11.70 25.36 16.58
CA TYR B 100 12.31 24.44 17.50
C TYR B 100 11.80 24.70 18.90
N PRO B 101 11.63 25.99 19.27
CA PRO B 101 11.21 26.17 20.65
C PRO B 101 9.86 25.57 20.84
N ARG B 102 9.00 25.83 19.88
CA ARG B 102 7.63 25.35 19.88
C ARG B 102 7.63 23.83 19.85
N MET B 103 8.51 23.27 19.03
CA MET B 103 8.52 21.86 18.83
C MET B 103 8.66 21.16 20.15
N ARG B 104 9.61 21.64 20.95
CA ARG B 104 9.90 20.96 22.21
C ARG B 104 8.67 20.95 23.10
N GLU B 105 8.02 22.11 23.20
CA GLU B 105 7.00 22.26 24.20
C GLU B 105 5.93 21.22 23.95
N GLN B 106 5.59 21.08 22.67
CA GLN B 106 4.53 20.17 22.27
C GLN B 106 4.86 18.74 22.64
N LEU B 107 6.10 18.35 22.37
CA LEU B 107 6.53 17.02 22.71
C LEU B 107 6.49 16.93 24.21
N ASN B 108 7.07 17.92 24.86
CA ASN B 108 7.20 17.87 26.29
C ASN B 108 5.85 17.67 26.87
N PHE B 109 4.87 18.35 26.29
CA PHE B 109 3.52 18.20 26.76
C PHE B 109 3.17 16.76 26.61
N LEU B 110 3.51 16.22 25.45
CA LEU B 110 3.18 14.85 25.19
C LEU B 110 3.82 14.00 26.22
N ALA B 111 5.12 14.21 26.39
CA ALA B 111 5.92 13.37 27.25
C ALA B 111 5.32 13.35 28.63
N GLU B 112 4.81 14.50 29.05
CA GLU B 112 4.20 14.62 30.37
C GLU B 112 3.00 13.70 30.49
N GLU B 113 2.24 13.57 29.42
CA GLU B 113 1.08 12.71 29.45
C GLU B 113 1.49 11.28 29.62
N LEU B 114 2.74 11.00 29.25
CA LEU B 114 3.31 9.68 29.39
C LEU B 114 4.21 9.61 30.61
N THR B 115 3.99 10.50 31.57
CA THR B 115 4.73 10.47 32.81
C THR B 115 4.50 9.15 33.49
N ILE B 116 5.54 8.57 34.06
CA ILE B 116 5.42 7.30 34.73
C ILE B 116 4.28 7.40 35.74
N ALA B 117 4.16 8.56 36.34
CA ALA B 117 3.06 8.80 37.25
C ALA B 117 1.79 8.60 36.48
N LYS B 118 1.80 9.06 35.23
CA LYS B 118 0.60 9.04 34.41
C LYS B 118 0.03 7.63 34.35
N PHE B 119 0.85 6.63 34.62
CA PHE B 119 0.34 5.28 34.65
C PHE B 119 -0.29 5.09 36.01
N GLN B 120 -1.31 5.89 36.31
CA GLN B 120 -1.92 5.89 37.64
C GLN B 120 -2.60 4.56 37.98
N ASN B 121 -3.39 4.02 37.06
CA ASN B 121 -3.97 2.67 37.23
C ASN B 121 -3.87 1.91 35.91
N PHE B 122 -2.78 2.16 35.19
CA PHE B 122 -2.65 1.73 33.80
C PHE B 122 -2.67 0.23 33.58
N VAL B 123 -1.82 -0.48 34.30
CA VAL B 123 -1.49 -1.86 33.94
C VAL B 123 -2.75 -2.70 33.93
N PRO B 124 -3.60 -2.57 34.97
CA PRO B 124 -4.77 -3.41 34.88
C PRO B 124 -5.58 -3.14 33.62
N ALA B 125 -5.48 -1.94 33.06
CA ALA B 125 -6.17 -1.70 31.80
C ALA B 125 -5.63 -2.66 30.76
N ILE B 126 -4.31 -2.76 30.70
CA ILE B 126 -3.66 -3.53 29.68
C ILE B 126 -4.00 -5.01 29.76
N GLN B 127 -3.77 -5.61 30.91
CA GLN B 127 -3.86 -7.07 30.99
C GLN B 127 -5.26 -7.53 30.61
N HIS B 128 -6.27 -6.90 31.20
CA HIS B 128 -7.63 -7.33 30.98
C HIS B 128 -7.85 -7.34 29.49
N GLU B 129 -7.48 -6.24 28.84
CA GLU B 129 -7.56 -6.20 27.40
C GLU B 129 -6.62 -7.24 26.85
N VAL B 130 -5.42 -7.32 27.41
CA VAL B 130 -4.44 -8.29 26.94
C VAL B 130 -5.09 -9.63 27.13
N ARG B 131 -5.56 -9.85 28.35
CA ARG B 131 -6.20 -11.10 28.70
C ARG B 131 -7.48 -11.25 27.91
N LYS B 132 -8.16 -10.14 27.63
CA LYS B 132 -9.38 -10.21 26.87
C LYS B 132 -9.09 -10.74 25.47
N PHE B 133 -8.00 -10.31 24.87
CA PHE B 133 -7.75 -10.65 23.47
C PHE B 133 -7.54 -12.13 23.23
N MET B 134 -6.77 -12.77 24.11
CA MET B 134 -6.47 -14.19 23.94
C MET B 134 -7.79 -14.92 24.01
N ALA B 135 -8.57 -14.59 25.02
CA ALA B 135 -9.79 -15.35 25.28
C ALA B 135 -10.66 -15.35 24.06
N GLU B 136 -10.83 -14.18 23.46
CA GLU B 136 -11.70 -14.03 22.31
C GLU B 136 -11.13 -14.75 21.11
N ASN B 137 -9.81 -14.76 21.00
CA ASN B 137 -9.17 -15.36 19.83
C ASN B 137 -8.47 -16.68 20.07
N TRP B 138 -7.72 -16.79 21.15
CA TRP B 138 -7.01 -18.02 21.43
C TRP B 138 -7.99 -18.94 22.11
N LYS B 139 -9.04 -19.31 21.39
CA LYS B 139 -10.15 -19.98 22.04
C LYS B 139 -9.77 -21.37 22.56
N GLU B 140 -9.06 -22.14 21.75
CA GLU B 140 -8.77 -23.53 22.07
C GLU B 140 -7.59 -23.72 23.03
N ASP B 141 -7.45 -24.91 23.57
CA ASP B 141 -6.40 -25.19 24.56
C ASP B 141 -5.05 -24.85 23.96
N GLU B 142 -4.88 -25.24 22.71
CA GLU B 142 -3.66 -24.93 21.97
C GLU B 142 -4.07 -24.53 20.56
N GLY B 143 -3.27 -23.69 19.93
CA GLY B 143 -3.62 -23.20 18.62
C GLY B 143 -2.42 -22.71 17.89
N VAL B 144 -2.60 -22.38 16.62
CA VAL B 144 -1.55 -21.79 15.82
C VAL B 144 -1.99 -20.39 15.45
N ILE B 145 -1.10 -19.44 15.68
CA ILE B 145 -1.42 -18.06 15.36
C ILE B 145 -0.21 -17.44 14.74
N ASN B 146 -0.42 -16.38 13.97
CA ASN B 146 0.69 -15.59 13.52
C ASN B 146 0.93 -14.60 14.62
N LEU B 147 2.06 -14.70 15.30
CA LEU B 147 2.27 -13.90 16.48
C LEU B 147 2.14 -12.45 16.13
N LEU B 148 2.84 -12.04 15.10
CA LEU B 148 2.99 -10.65 14.81
C LEU B 148 1.66 -9.94 14.53
N GLU B 149 0.74 -10.60 13.85
CA GLU B 149 -0.55 -10.00 13.56
C GLU B 149 -1.28 -9.76 14.85
N ASP B 150 -1.15 -10.68 15.78
CA ASP B 150 -1.81 -10.55 17.05
C ASP B 150 -1.14 -9.57 18.00
N CYS B 151 0.18 -9.60 18.08
CA CYS B 151 0.88 -8.71 18.98
C CYS B 151 0.51 -7.28 18.62
N GLY B 152 0.46 -7.02 17.33
CA GLY B 152 0.08 -5.71 16.82
C GLY B 152 -1.31 -5.45 17.23
N ALA B 153 -2.12 -6.51 17.25
CA ALA B 153 -3.52 -6.32 17.55
C ALA B 153 -3.74 -5.85 18.96
N MET B 154 -2.97 -6.34 19.90
CA MET B 154 -3.12 -5.90 21.31
C MET B 154 -2.69 -4.45 21.46
N ILE B 155 -1.59 -4.11 20.81
CA ILE B 155 -0.96 -2.84 21.08
C ILE B 155 -1.97 -1.74 20.82
N ILE B 156 -2.63 -1.76 19.67
CA ILE B 156 -3.60 -0.69 19.42
C ILE B 156 -4.66 -0.80 20.49
N ASN B 157 -5.07 -2.02 20.79
CA ASN B 157 -6.15 -2.23 21.74
C ASN B 157 -5.80 -1.76 23.14
N THR B 158 -4.63 -2.13 23.64
CA THR B 158 -4.25 -1.73 24.99
C THR B 158 -4.05 -0.23 25.05
N ALA B 159 -3.37 0.29 24.03
CA ALA B 159 -2.99 1.69 24.00
C ALA B 159 -4.20 2.61 23.92
N CYS B 160 -5.22 2.23 23.17
CA CYS B 160 -6.40 3.04 23.10
C CYS B 160 -6.99 3.09 24.46
N GLN B 161 -7.02 1.94 25.09
CA GLN B 161 -7.66 1.85 26.37
C GLN B 161 -6.96 2.81 27.30
N CYS B 162 -5.65 2.72 27.30
CA CYS B 162 -4.88 3.45 28.27
C CYS B 162 -4.94 4.95 28.09
N LEU B 163 -4.94 5.40 26.84
CA LEU B 163 -4.87 6.83 26.57
C LEU B 163 -6.24 7.48 26.52
N PHE B 164 -7.30 6.68 26.56
CA PHE B 164 -8.60 7.25 26.27
C PHE B 164 -9.72 6.97 27.24
N GLY B 165 -10.59 7.98 27.35
CA GLY B 165 -11.82 7.85 28.06
C GLY B 165 -12.81 7.11 27.19
N GLU B 166 -13.81 6.56 27.85
CA GLU B 166 -14.80 5.73 27.22
C GLU B 166 -15.43 6.50 26.10
N ASP B 167 -15.86 7.71 26.43
CA ASP B 167 -16.68 8.46 25.53
C ASP B 167 -15.95 8.60 24.21
N LEU B 168 -14.67 8.87 24.31
CA LEU B 168 -13.84 8.93 23.13
C LEU B 168 -13.75 7.55 22.56
N ARG B 169 -13.46 6.58 23.43
CA ARG B 169 -13.28 5.24 22.93
C ARG B 169 -14.54 4.76 22.27
N LYS B 170 -15.68 5.08 22.87
CA LYS B 170 -16.94 4.65 22.32
C LYS B 170 -17.03 5.19 20.90
N ARG B 171 -16.72 6.46 20.74
CA ARG B 171 -16.78 7.05 19.42
C ARG B 171 -15.64 6.65 18.49
N LEU B 172 -14.43 6.41 19.01
CA LEU B 172 -13.36 5.91 18.15
C LEU B 172 -12.68 4.68 18.68
N ASN B 173 -12.75 3.60 17.91
CA ASN B 173 -12.20 2.34 18.35
C ASN B 173 -11.20 1.83 17.35
N ALA B 174 -10.35 0.94 17.84
CA ALA B 174 -9.07 0.69 17.22
C ALA B 174 -9.16 0.35 15.75
N ARG B 175 -10.05 -0.56 15.39
CA ARG B 175 -10.18 -0.95 14.00
C ARG B 175 -10.49 0.30 13.23
N HIS B 176 -11.38 1.09 13.82
CA HIS B 176 -11.71 2.36 13.24
C HIS B 176 -10.51 3.28 13.28
N PHE B 177 -9.86 3.35 14.42
CA PHE B 177 -8.74 4.24 14.58
C PHE B 177 -7.69 3.82 13.58
N ALA B 178 -7.38 2.54 13.60
CA ALA B 178 -6.21 2.02 12.94
C ALA B 178 -6.29 2.25 11.45
N GLN B 179 -7.50 2.16 10.89
CA GLN B 179 -7.66 2.35 9.46
C GLN B 179 -7.14 3.73 9.17
N LEU B 180 -7.49 4.66 10.04
CA LEU B 180 -7.07 6.02 9.87
C LEU B 180 -5.57 6.12 9.89
N LEU B 181 -4.97 5.49 10.89
CA LEU B 181 -3.52 5.53 11.01
C LEU B 181 -2.92 4.98 9.75
N SER B 182 -3.46 3.84 9.34
CA SER B 182 -3.00 3.20 8.16
C SER B 182 -3.19 4.18 7.04
N LYS B 183 -4.38 4.77 7.02
CA LYS B 183 -4.73 5.63 5.92
C LYS B 183 -3.73 6.73 5.82
N MET B 184 -3.35 7.26 6.98
CA MET B 184 -2.28 8.23 7.03
C MET B 184 -0.97 7.61 6.65
N GLU B 185 -0.75 6.37 7.11
CA GLU B 185 0.49 5.66 6.88
C GLU B 185 0.75 5.45 5.42
N SER B 186 -0.34 5.32 4.66
CA SER B 186 -0.29 4.92 3.28
C SER B 186 0.55 5.83 2.44
N SER B 187 0.53 7.12 2.76
CA SER B 187 1.10 8.11 1.87
C SER B 187 2.55 8.43 2.16
N LEU B 188 3.11 7.85 3.21
CA LEU B 188 4.34 8.42 3.77
C LEU B 188 5.51 8.36 2.77
N ILE B 189 5.67 7.26 2.04
CA ILE B 189 6.64 7.23 0.95
C ILE B 189 8.04 7.67 1.40
N PRO B 190 8.65 6.97 2.39
CA PRO B 190 9.80 7.60 3.01
C PRO B 190 11.08 7.59 2.20
N ALA B 191 11.27 8.63 1.42
CA ALA B 191 12.55 8.88 0.79
C ALA B 191 12.96 10.24 1.30
N ALA B 192 13.22 10.26 2.61
CA ALA B 192 13.60 11.45 3.32
C ALA B 192 14.73 12.05 2.57
N VAL B 193 15.68 11.20 2.23
CA VAL B 193 16.65 11.52 1.22
C VAL B 193 15.86 11.66 -0.05
N PHE B 194 16.13 12.71 -0.82
CA PHE B 194 15.70 12.76 -2.20
C PHE B 194 14.20 12.87 -2.35
N MET B 195 13.50 12.94 -1.21
CA MET B 195 12.07 13.02 -1.25
C MET B 195 11.67 14.31 -2.02
N PRO B 196 12.55 15.35 -2.00
CA PRO B 196 12.03 16.56 -2.61
C PRO B 196 11.65 16.30 -4.04
N TRP B 197 12.50 15.61 -4.77
CA TRP B 197 12.15 15.28 -6.15
C TRP B 197 10.84 14.53 -6.01
N LEU B 198 10.83 13.56 -5.11
CA LEU B 198 9.66 12.76 -4.85
C LEU B 198 8.52 13.63 -4.32
N LEU B 199 8.87 14.61 -3.50
CA LEU B 199 7.89 15.27 -2.65
C LEU B 199 6.78 15.85 -3.52
N ARG B 200 7.18 16.47 -4.61
CA ARG B 200 6.21 17.00 -5.56
C ARG B 200 5.47 15.88 -6.29
N LEU B 201 6.16 14.79 -6.62
CA LEU B 201 5.52 13.67 -7.32
C LEU B 201 4.55 13.05 -6.35
N PRO B 202 3.26 13.08 -6.70
CA PRO B 202 2.23 12.94 -5.69
C PRO B 202 1.55 11.59 -5.67
N LEU B 203 1.59 10.93 -4.52
CA LEU B 203 0.76 9.77 -4.33
C LEU B 203 -0.70 10.24 -4.28
N PRO B 204 -1.66 9.49 -4.89
CA PRO B 204 -3.02 9.85 -4.54
C PRO B 204 -3.32 9.47 -3.11
N GLN B 205 -2.50 8.57 -2.55
CA GLN B 205 -2.65 8.12 -1.18
C GLN B 205 -2.62 9.30 -0.24
N SER B 206 -1.78 10.27 -0.59
CA SER B 206 -1.66 11.51 0.15
C SER B 206 -3.02 12.11 0.25
N ALA B 207 -3.71 12.11 -0.88
CA ALA B 207 -5.07 12.60 -0.92
C ALA B 207 -5.89 11.81 0.05
N ARG B 208 -5.71 10.49 0.01
CA ARG B 208 -6.48 9.61 0.84
C ARG B 208 -6.22 9.94 2.30
N CYS B 209 -4.96 10.13 2.64
CA CYS B 209 -4.59 10.41 4.00
C CYS B 209 -5.20 11.72 4.44
N ARG B 210 -5.00 12.74 3.61
CA ARG B 210 -5.17 14.11 4.05
C ARG B 210 -6.57 14.26 4.58
N GLU B 211 -7.53 13.66 3.88
CA GLU B 211 -8.89 13.59 4.34
C GLU B 211 -8.95 12.83 5.65
N ALA B 212 -8.10 11.83 5.79
CA ALA B 212 -8.15 10.95 6.96
C ALA B 212 -7.82 11.66 8.27
N ARG B 213 -6.85 12.56 8.22
CA ARG B 213 -6.52 13.34 9.40
C ARG B 213 -7.72 14.21 9.68
N ALA B 214 -8.27 14.77 8.62
CA ALA B 214 -9.34 15.70 8.78
C ALA B 214 -10.42 15.03 9.59
N GLU B 215 -10.69 13.79 9.25
CA GLU B 215 -11.74 13.07 9.91
C GLU B 215 -11.51 13.09 11.41
N LEU B 216 -10.27 12.81 11.80
CA LEU B 216 -9.98 12.64 13.22
C LEU B 216 -10.19 13.93 13.97
N GLN B 217 -9.68 15.02 13.43
CA GLN B 217 -9.73 16.26 14.18
C GLN B 217 -11.16 16.45 14.58
N LYS B 218 -12.02 16.30 13.59
CA LYS B 218 -13.40 16.64 13.76
C LYS B 218 -13.96 15.86 14.94
N ILE B 219 -13.64 14.57 15.00
CA ILE B 219 -14.20 13.73 16.03
C ILE B 219 -13.83 14.31 17.36
N LEU B 220 -12.58 14.70 17.48
CA LEU B 220 -12.13 15.34 18.69
C LEU B 220 -12.88 16.64 18.79
N GLY B 221 -13.08 17.29 17.65
CA GLY B 221 -13.79 18.56 17.62
C GLY B 221 -15.13 18.41 18.29
N GLU B 222 -15.74 17.26 18.08
CA GLU B 222 -16.99 16.97 18.75
C GLU B 222 -16.78 16.69 20.23
N ILE B 223 -15.80 15.87 20.59
CA ILE B 223 -15.78 15.32 21.95
C ILE B 223 -15.49 16.31 23.06
N ILE B 224 -14.61 17.27 22.85
CA ILE B 224 -14.32 18.24 23.88
C ILE B 224 -15.59 19.01 24.13
N VAL B 225 -16.23 19.36 23.03
CA VAL B 225 -17.45 20.13 23.09
C VAL B 225 -18.50 19.33 23.86
N ALA B 226 -18.64 18.06 23.54
CA ALA B 226 -19.53 17.22 24.31
C ALA B 226 -19.05 17.28 25.76
N ARG B 227 -17.75 17.16 25.93
CA ARG B 227 -17.18 17.15 27.26
C ARG B 227 -17.38 18.49 27.96
N GLU B 228 -17.29 19.58 27.20
CA GLU B 228 -17.43 20.93 27.72
C GLU B 228 -18.68 21.09 28.58
N LYS B 229 -19.83 20.73 28.01
CA LYS B 229 -21.09 20.82 28.74
C LYS B 229 -21.11 19.92 29.97
N GLU B 230 -20.57 18.72 29.81
CA GLU B 230 -20.83 17.64 30.76
C GLU B 230 -19.93 17.68 31.98
N GLU B 231 -19.18 18.75 32.14
CA GLU B 231 -18.30 18.89 33.29
C GLU B 231 -19.11 18.65 34.56
N ALA B 232 -18.53 17.95 35.52
CA ALA B 232 -19.22 17.59 36.74
C ALA B 232 -18.29 17.61 37.94
N THR B 238 -12.51 12.70 31.19
CA THR B 238 -12.10 14.06 31.54
C THR B 238 -10.62 14.31 31.24
N SER B 239 -9.74 13.86 32.14
CA SER B 239 -8.28 14.05 31.99
C SER B 239 -7.60 12.85 31.32
N ASP B 240 -8.08 12.46 30.14
CA ASP B 240 -7.47 11.37 29.39
C ASP B 240 -6.29 12.02 28.77
N LEU B 241 -5.59 11.32 27.91
CA LEU B 241 -4.51 11.96 27.20
C LEU B 241 -5.06 13.22 26.56
N LEU B 242 -6.21 13.09 25.93
CA LEU B 242 -6.77 14.19 25.21
C LEU B 242 -6.97 15.32 26.20
N GLY B 243 -7.52 14.98 27.37
CA GLY B 243 -7.80 15.97 28.37
C GLY B 243 -6.57 16.69 28.87
N GLY B 244 -5.53 15.94 29.16
CA GLY B 244 -4.33 16.50 29.74
C GLY B 244 -3.74 17.47 28.77
N LEU B 245 -3.75 17.10 27.50
CA LEU B 245 -3.17 17.94 26.49
C LEU B 245 -3.92 19.23 26.51
N LEU B 246 -5.22 19.12 26.65
CA LEU B 246 -6.07 20.29 26.55
C LEU B 246 -5.60 21.35 27.49
N LYS B 247 -5.28 20.91 28.69
CA LYS B 247 -4.94 21.79 29.78
C LYS B 247 -3.65 22.57 29.58
N ALA B 248 -2.67 21.95 28.94
CA ALA B 248 -1.33 22.47 28.91
C ALA B 248 -1.28 23.90 28.44
N VAL B 249 -0.39 24.67 29.06
CA VAL B 249 -0.17 26.05 28.67
C VAL B 249 1.24 26.21 28.15
N TYR B 250 1.35 26.85 26.99
CA TYR B 250 2.64 27.02 26.37
C TYR B 250 3.45 27.94 27.22
N ARG B 251 4.71 28.15 26.86
CA ARG B 251 5.54 29.04 27.62
C ARG B 251 5.00 30.43 27.48
N ASP B 252 4.50 30.80 26.31
CA ASP B 252 3.76 32.06 26.20
C ASP B 252 2.40 31.78 26.82
N GLY B 253 1.47 32.72 26.75
CA GLY B 253 0.23 32.54 27.51
C GLY B 253 -0.64 31.43 26.92
N THR B 254 -0.35 31.09 25.68
CA THR B 254 -1.22 30.31 24.84
C THR B 254 -1.39 28.85 25.23
N ARG B 255 -2.52 28.29 24.81
CA ARG B 255 -2.82 26.89 25.07
C ARG B 255 -2.86 26.17 23.72
N MET B 256 -2.76 24.86 23.74
CA MET B 256 -2.65 24.10 22.49
C MET B 256 -3.94 24.15 21.67
N SER B 257 -3.80 24.37 20.37
CA SER B 257 -4.95 24.40 19.44
C SER B 257 -5.41 23.00 19.08
N LEU B 258 -6.58 22.90 18.49
CA LEU B 258 -7.14 21.61 18.14
C LEU B 258 -6.31 20.93 17.09
N HIS B 259 -5.88 21.69 16.09
CA HIS B 259 -4.98 21.14 15.13
C HIS B 259 -3.82 20.58 15.91
N GLU B 260 -3.26 21.41 16.77
CA GLU B 260 -2.09 21.00 17.52
C GLU B 260 -2.36 19.80 18.41
N VAL B 261 -3.47 19.82 19.11
CA VAL B 261 -3.76 18.74 20.03
C VAL B 261 -3.91 17.47 19.22
N CYS B 262 -4.59 17.60 18.10
CA CYS B 262 -4.93 16.44 17.31
C CYS B 262 -3.67 15.77 16.85
N GLY B 263 -2.78 16.58 16.31
CA GLY B 263 -1.55 16.07 15.77
C GLY B 263 -0.85 15.27 16.85
N MET B 264 -0.74 15.83 18.04
CA MET B 264 -0.08 15.12 19.10
C MET B 264 -0.83 13.85 19.39
N ILE B 265 -2.16 13.89 19.32
CA ILE B 265 -2.94 12.71 19.59
C ILE B 265 -2.48 11.67 18.59
N VAL B 266 -2.36 12.10 17.34
CA VAL B 266 -1.94 11.20 16.28
C VAL B 266 -0.62 10.61 16.69
N ALA B 267 0.30 11.48 17.07
CA ALA B 267 1.70 11.11 17.12
C ALA B 267 1.86 9.94 18.04
N ALA B 268 1.10 9.96 19.11
CA ALA B 268 1.29 8.96 20.12
C ALA B 268 1.10 7.61 19.48
N MET B 269 0.02 7.45 18.75
CA MET B 269 -0.28 6.16 18.16
C MET B 269 0.76 5.75 17.12
N PHE B 270 1.12 6.67 16.26
CA PHE B 270 1.97 6.34 15.13
C PHE B 270 3.31 5.78 15.58
N ALA B 271 3.92 6.45 16.55
CA ALA B 271 5.20 6.02 17.03
C ALA B 271 5.07 4.67 17.67
N GLY B 272 3.95 4.45 18.34
CA GLY B 272 3.75 3.22 19.07
C GLY B 272 3.50 1.96 18.24
N GLN B 273 2.64 2.09 17.23
CA GLN B 273 1.93 0.92 16.70
C GLN B 273 2.83 -0.21 16.22
N HIS B 274 3.86 0.09 15.47
CA HIS B 274 4.68 -0.98 14.92
C HIS B 274 5.88 -1.24 15.78
N THR B 275 6.49 -0.17 16.25
CA THR B 275 7.72 -0.30 17.01
C THR B 275 7.49 -1.22 18.16
N SER B 276 6.35 -1.06 18.81
CA SER B 276 6.04 -1.86 19.97
C SER B 276 5.72 -3.29 19.60
N THR B 277 4.89 -3.46 18.57
CA THR B 277 4.42 -4.80 18.23
C THR B 277 5.62 -5.65 17.86
N ILE B 278 6.53 -5.05 17.10
CA ILE B 278 7.72 -5.74 16.70
C ILE B 278 8.50 -6.20 17.91
N THR B 279 8.67 -5.30 18.87
CA THR B 279 9.58 -5.56 19.97
C THR B 279 9.09 -6.67 20.86
N THR B 280 7.79 -6.72 21.11
CA THR B 280 7.26 -7.79 21.92
C THR B 280 7.49 -9.09 21.19
N SER B 281 7.18 -9.06 19.90
CA SER B 281 7.26 -10.24 19.09
C SER B 281 8.68 -10.75 19.06
N TRP B 282 9.60 -9.86 18.76
CA TRP B 282 10.99 -10.25 18.68
C TRP B 282 11.37 -10.88 19.98
N SER B 283 11.05 -10.19 21.05
CA SER B 283 11.43 -10.64 22.36
C SER B 283 10.77 -11.97 22.65
N MET B 284 9.49 -12.08 22.35
CA MET B 284 8.77 -13.31 22.65
C MET B 284 9.35 -14.49 21.87
N LEU B 285 9.67 -14.22 20.62
CA LEU B 285 10.21 -15.23 19.74
C LEU B 285 11.48 -15.73 20.31
N HIS B 286 12.33 -14.80 20.74
CA HIS B 286 13.61 -15.19 21.27
C HIS B 286 13.38 -16.11 22.45
N LEU B 287 12.35 -15.83 23.22
CA LEU B 287 12.07 -16.63 24.41
C LEU B 287 11.62 -18.07 24.16
N MET B 288 10.62 -18.28 23.32
CA MET B 288 10.14 -19.63 23.13
C MET B 288 11.21 -20.50 22.51
N HIS B 289 11.99 -19.92 21.61
CA HIS B 289 12.97 -20.68 20.87
C HIS B 289 13.81 -21.48 21.82
N PRO B 290 14.00 -22.75 21.48
CA PRO B 290 14.48 -23.71 22.44
C PRO B 290 15.74 -23.29 23.15
N LYS B 291 16.69 -22.75 22.39
CA LYS B 291 18.01 -22.50 22.91
C LYS B 291 17.96 -21.75 24.23
N ASN B 292 17.07 -20.78 24.31
CA ASN B 292 17.13 -19.76 25.37
C ASN B 292 16.25 -20.08 26.58
N LYS B 293 15.99 -21.37 26.76
CA LYS B 293 15.17 -21.84 27.86
C LYS B 293 15.81 -21.37 29.15
N LYS B 294 17.14 -21.43 29.20
CA LYS B 294 17.86 -20.96 30.35
C LYS B 294 17.47 -19.53 30.59
N TRP B 295 17.51 -18.74 29.53
CA TRP B 295 16.99 -17.42 29.64
C TRP B 295 15.52 -17.55 29.90
N LEU B 296 14.86 -18.40 29.13
CA LEU B 296 13.43 -18.47 29.20
C LEU B 296 13.04 -18.83 30.59
N ASP B 297 13.71 -19.86 31.10
CA ASP B 297 13.40 -20.37 32.40
C ASP B 297 13.58 -19.26 33.39
N LYS B 298 14.64 -18.49 33.22
CA LYS B 298 14.97 -17.45 34.17
C LYS B 298 13.80 -16.50 34.29
N LEU B 299 13.25 -16.12 33.15
CA LEU B 299 12.21 -15.12 33.15
C LEU B 299 11.07 -15.62 33.95
N HIS B 300 10.71 -16.85 33.68
CA HIS B 300 9.57 -17.42 34.32
C HIS B 300 9.75 -17.24 35.79
N LYS B 301 10.97 -17.49 36.25
CA LYS B 301 11.24 -17.42 37.66
C LYS B 301 10.92 -16.04 38.20
N GLU B 302 11.33 -15.00 37.47
CA GLU B 302 11.04 -13.64 37.91
C GLU B 302 9.55 -13.44 38.04
N ILE B 303 8.81 -13.78 36.99
CA ILE B 303 7.38 -13.47 36.94
C ILE B 303 6.51 -14.39 37.81
N ASP B 304 6.92 -15.64 37.92
CA ASP B 304 6.03 -16.67 38.39
C ASP B 304 5.60 -16.38 39.80
N GLU B 305 6.51 -15.81 40.57
CA GLU B 305 6.19 -15.50 41.95
C GLU B 305 5.12 -14.42 42.04
N PHE B 306 4.81 -13.76 40.92
CA PHE B 306 3.82 -12.67 40.93
C PHE B 306 2.38 -13.13 41.21
N PRO B 307 1.51 -12.21 41.71
CA PRO B 307 0.10 -12.62 41.80
C PRO B 307 -0.56 -12.41 40.46
N ALA B 308 -1.78 -12.91 40.31
CA ALA B 308 -2.42 -12.88 38.99
C ALA B 308 -2.62 -11.46 38.51
N GLN B 309 -3.07 -10.60 39.40
CA GLN B 309 -3.37 -9.24 38.99
C GLN B 309 -2.12 -8.40 39.12
N LEU B 310 -1.52 -8.13 37.97
CA LEU B 310 -0.32 -7.31 37.95
C LEU B 310 -0.66 -5.87 38.24
N ASN B 311 0.30 -5.16 38.81
CA ASN B 311 0.21 -3.72 38.90
C ASN B 311 1.58 -3.11 38.70
N TYR B 312 1.57 -1.82 38.40
CA TYR B 312 2.71 -1.12 37.84
C TYR B 312 4.00 -1.35 38.62
N ASP B 313 3.88 -1.39 39.93
CA ASP B 313 5.02 -1.62 40.76
C ASP B 313 5.64 -2.95 40.42
N ASN B 314 4.79 -3.96 40.26
CA ASN B 314 5.30 -5.30 39.99
C ASN B 314 6.04 -5.31 38.66
N VAL B 315 5.49 -4.65 37.65
CA VAL B 315 6.11 -4.62 36.33
C VAL B 315 7.38 -3.78 36.24
N MET B 316 7.29 -2.51 36.63
CA MET B 316 8.41 -1.61 36.41
C MET B 316 9.55 -1.95 37.30
N ASP B 317 9.24 -2.13 38.58
CA ASP B 317 10.28 -2.37 39.55
C ASP B 317 10.91 -3.75 39.47
N GLU B 318 10.11 -4.77 39.20
CA GLU B 318 10.52 -6.14 39.46
C GLU B 318 10.69 -7.08 38.28
N MET B 319 10.97 -6.55 37.09
CA MET B 319 11.21 -7.44 35.94
C MET B 319 12.64 -7.42 35.39
N PRO B 320 13.61 -7.03 36.24
CA PRO B 320 14.83 -6.45 35.71
C PRO B 320 15.40 -7.30 34.60
N PHE B 321 15.32 -8.62 34.74
CA PHE B 321 15.82 -9.46 33.68
C PHE B 321 14.98 -9.20 32.45
N ALA B 322 13.67 -9.06 32.66
CA ALA B 322 12.76 -8.92 31.53
C ALA B 322 13.22 -7.76 30.67
N GLU B 323 13.68 -6.71 31.31
CA GLU B 323 14.16 -5.56 30.58
C GLU B 323 15.40 -5.89 29.79
N ARG B 324 16.28 -6.70 30.36
CA ARG B 324 17.50 -7.05 29.67
C ARG B 324 17.10 -7.72 28.36
N CYS B 325 16.10 -8.59 28.45
CA CYS B 325 15.64 -9.31 27.29
C CYS B 325 15.05 -8.38 26.27
N VAL B 326 14.12 -7.56 26.72
CA VAL B 326 13.47 -6.63 25.84
C VAL B 326 14.56 -5.78 25.27
N ARG B 327 15.43 -5.34 26.16
CA ARG B 327 16.38 -4.32 25.82
C ARG B 327 17.20 -4.86 24.68
N GLU B 328 17.71 -6.06 24.86
CA GLU B 328 18.60 -6.64 23.89
C GLU B 328 17.86 -6.71 22.59
N SER B 329 16.62 -7.16 22.69
CA SER B 329 15.87 -7.55 21.53
C SER B 329 15.76 -6.36 20.61
N ILE B 330 15.62 -5.18 21.19
CA ILE B 330 15.76 -3.98 20.40
C ILE B 330 17.21 -3.87 19.93
N ARG B 331 18.13 -4.22 20.81
CA ARG B 331 19.53 -4.00 20.55
C ARG B 331 19.92 -4.69 19.28
N ARG B 332 19.59 -5.97 19.22
CA ARG B 332 20.01 -6.83 18.14
C ARG B 332 19.30 -6.52 16.84
N ASP B 333 18.01 -6.21 16.92
CA ASP B 333 17.24 -5.90 15.73
C ASP B 333 16.32 -4.73 15.97
N PRO B 334 16.87 -3.51 15.86
CA PRO B 334 16.11 -2.33 16.22
C PRO B 334 15.09 -1.92 15.12
N PRO B 335 13.79 -1.70 15.50
CA PRO B 335 12.74 -1.34 14.54
C PRO B 335 13.08 -0.12 13.70
N LEU B 336 13.67 0.86 14.32
CA LEU B 336 14.15 1.96 13.54
C LEU B 336 15.63 1.68 13.30
N LEU B 337 15.97 1.57 12.03
CA LEU B 337 17.34 1.31 11.65
C LEU B 337 18.16 2.52 11.93
N MET B 338 17.61 3.68 11.58
CA MET B 338 18.40 4.88 11.71
C MET B 338 17.65 6.19 11.73
N VAL B 339 18.42 7.17 12.18
CA VAL B 339 17.95 8.41 12.73
C VAL B 339 18.69 9.49 11.97
N MET B 340 17.99 10.55 11.60
CA MET B 340 18.56 11.54 10.69
C MET B 340 18.53 12.95 11.24
N ARG B 341 19.50 13.76 10.84
CA ARG B 341 19.46 15.16 11.15
C ARG B 341 20.11 15.87 9.99
N MET B 342 19.65 17.09 9.75
CA MET B 342 20.07 17.82 8.59
C MET B 342 21.16 18.78 9.01
N VAL B 343 22.32 18.71 8.36
CA VAL B 343 23.45 19.51 8.77
C VAL B 343 23.21 20.98 8.42
N LYS B 344 23.23 21.84 9.45
CA LYS B 344 23.04 23.30 9.27
C LYS B 344 24.36 24.09 9.34
N ALA B 345 25.39 23.47 9.87
CA ALA B 345 26.73 24.04 9.78
C ALA B 345 27.75 22.95 10.04
N GLU B 346 28.86 23.02 9.32
CA GLU B 346 29.91 22.02 9.39
C GLU B 346 30.30 21.75 10.84
N VAL B 347 30.38 20.49 11.22
CA VAL B 347 30.47 20.13 12.63
C VAL B 347 31.55 19.10 12.91
N LYS B 348 32.10 19.18 14.12
CA LYS B 348 33.24 18.39 14.52
C LYS B 348 32.94 16.90 14.54
N VAL B 349 33.86 16.15 13.94
CA VAL B 349 33.87 14.70 14.06
C VAL B 349 35.32 14.27 14.21
N GLY B 350 35.58 13.24 15.00
CA GLY B 350 36.94 12.81 15.22
C GLY B 350 37.56 12.48 13.89
N SER B 351 38.69 13.10 13.60
CA SER B 351 39.41 12.78 12.39
C SER B 351 38.66 13.27 11.16
N TYR B 352 37.64 14.10 11.34
CA TYR B 352 36.78 14.47 10.21
C TYR B 352 36.02 15.79 10.36
N VAL B 353 35.38 16.19 9.26
CA VAL B 353 34.53 17.37 9.24
C VAL B 353 33.31 17.07 8.40
N VAL B 354 32.19 17.72 8.69
CA VAL B 354 30.96 17.51 7.91
C VAL B 354 30.44 18.78 7.24
N PRO B 355 30.33 18.80 5.88
CA PRO B 355 29.84 20.06 5.31
C PRO B 355 28.35 20.22 5.49
N LYS B 356 27.91 21.47 5.47
CA LYS B 356 26.50 21.80 5.50
C LYS B 356 25.84 21.27 4.24
N GLY B 357 24.68 20.62 4.38
CA GLY B 357 23.94 20.15 3.21
C GLY B 357 23.98 18.64 3.00
N ASP B 358 24.97 17.97 3.56
CA ASP B 358 24.90 16.50 3.66
C ASP B 358 23.94 16.14 4.79
N ILE B 359 22.94 15.33 4.48
CA ILE B 359 22.09 14.78 5.53
C ILE B 359 22.98 13.87 6.37
N ILE B 360 23.11 14.18 7.65
CA ILE B 360 23.86 13.30 8.56
C ILE B 360 22.92 12.26 9.15
N ALA B 361 23.47 11.14 9.61
CA ALA B 361 22.66 10.13 10.30
C ALA B 361 23.48 9.18 11.14
N CYS B 362 22.87 8.70 12.21
CA CYS B 362 23.43 7.65 13.04
C CYS B 362 22.40 6.52 13.05
N SER B 363 22.89 5.27 13.03
CA SER B 363 22.08 4.08 12.74
C SER B 363 22.18 2.99 13.78
N PRO B 364 21.13 2.84 14.59
CA PRO B 364 21.09 1.80 15.60
C PRO B 364 21.58 0.44 15.11
N LEU B 365 21.09 0.03 13.96
CA LEU B 365 21.41 -1.29 13.39
C LEU B 365 22.91 -1.50 13.32
N LEU B 366 23.57 -0.58 12.60
CA LEU B 366 25.01 -0.56 12.41
C LEU B 366 25.77 -0.59 13.73
N SER B 367 25.35 0.23 14.68
CA SER B 367 26.01 0.32 15.97
C SER B 367 25.74 -0.90 16.87
N HIS B 368 24.62 -1.58 16.65
CA HIS B 368 24.29 -2.72 17.48
C HIS B 368 24.93 -3.96 16.92
N HIS B 369 25.62 -3.77 15.80
CA HIS B 369 26.35 -4.82 15.11
C HIS B 369 27.82 -4.41 14.91
N ASP B 370 28.35 -3.65 15.88
CA ASP B 370 29.78 -3.37 15.94
C ASP B 370 30.43 -4.42 16.83
N GLU B 371 31.50 -5.03 16.34
CA GLU B 371 32.14 -6.15 17.04
C GLU B 371 32.86 -5.62 18.27
N GLU B 372 33.23 -4.34 18.20
CA GLU B 372 33.97 -3.66 19.26
C GLU B 372 33.09 -3.38 20.48
N ALA B 373 31.86 -2.94 20.23
CA ALA B 373 30.93 -2.53 21.30
C ALA B 373 29.90 -3.61 21.68
N PHE B 374 29.52 -4.45 20.72
CA PHE B 374 28.63 -5.57 20.96
C PHE B 374 29.19 -6.81 20.27
N PRO B 375 30.14 -7.48 20.93
CA PRO B 375 30.80 -8.66 20.34
C PRO B 375 29.83 -9.80 20.04
N ASN B 376 30.04 -10.44 18.89
CA ASN B 376 29.08 -11.36 18.29
C ASN B 376 27.67 -10.78 18.30
N PRO B 377 27.49 -9.69 17.53
CA PRO B 377 26.19 -9.04 17.47
C PRO B 377 25.07 -10.05 17.34
N ARG B 378 25.16 -10.93 16.35
CA ARG B 378 24.01 -11.77 16.02
C ARG B 378 23.64 -12.77 17.11
N LEU B 379 24.32 -12.70 18.25
CA LEU B 379 23.86 -13.48 19.39
C LEU B 379 22.85 -12.72 20.23
N TRP B 380 21.75 -13.37 20.53
CA TRP B 380 20.79 -12.83 21.46
C TRP B 380 21.16 -13.23 22.88
N ASP B 381 21.60 -12.23 23.65
CA ASP B 381 22.14 -12.42 25.01
C ASP B 381 21.55 -11.42 26.02
N PRO B 382 20.49 -11.81 26.74
CA PRO B 382 19.93 -11.04 27.82
C PRO B 382 20.94 -10.35 28.74
N GLU B 383 21.89 -11.10 29.28
CA GLU B 383 22.84 -10.50 30.21
C GLU B 383 24.14 -10.08 29.52
N ARG B 384 23.95 -9.20 28.55
CA ARG B 384 25.04 -8.61 27.79
C ARG B 384 25.01 -7.13 28.10
N ASP B 385 26.15 -6.58 28.48
CA ASP B 385 26.23 -5.18 28.79
C ASP B 385 27.10 -4.51 27.74
N GLU B 386 26.70 -3.34 27.27
CA GLU B 386 27.42 -2.71 26.15
C GLU B 386 28.90 -2.52 26.44
N LYS B 387 29.73 -2.71 25.43
CA LYS B 387 31.18 -2.61 25.62
C LYS B 387 31.77 -1.31 25.08
N VAL B 388 30.94 -0.33 24.77
CA VAL B 388 31.41 1.02 24.53
C VAL B 388 30.35 1.95 25.08
N ASP B 389 30.76 3.00 25.78
CA ASP B 389 29.77 3.84 26.44
C ASP B 389 28.82 4.44 25.42
N GLY B 390 27.52 4.27 25.67
CA GLY B 390 26.50 4.85 24.81
C GLY B 390 26.61 4.38 23.37
N ALA B 391 26.99 3.12 23.20
CA ALA B 391 26.92 2.46 21.90
C ALA B 391 25.47 2.20 21.53
N PHE B 392 24.69 1.85 22.55
CA PHE B 392 23.30 1.46 22.36
C PHE B 392 22.51 2.71 22.18
N ILE B 393 21.87 2.84 21.03
CA ILE B 393 20.97 3.93 20.82
C ILE B 393 19.72 3.30 20.30
N GLY B 394 19.11 2.48 21.13
CA GLY B 394 17.85 1.86 20.80
C GLY B 394 16.75 2.91 20.75
N PHE B 395 16.80 3.84 21.72
CA PHE B 395 15.78 4.86 21.84
C PHE B 395 16.32 6.22 21.57
N GLY B 396 17.39 6.27 20.79
CA GLY B 396 17.95 7.55 20.42
C GLY B 396 18.68 8.05 21.64
N ALA B 397 19.31 9.20 21.52
CA ALA B 397 20.22 9.64 22.57
C ALA B 397 20.20 11.14 22.73
N GLY B 398 20.38 11.54 23.99
CA GLY B 398 20.46 12.94 24.36
C GLY B 398 19.16 13.70 24.21
N VAL B 399 19.24 14.82 23.50
CA VAL B 399 18.15 15.76 23.42
C VAL B 399 16.92 15.03 22.97
N HIS B 400 17.12 14.09 22.05
CA HIS B 400 16.04 13.45 21.34
C HIS B 400 15.71 12.05 21.80
N LYS B 401 16.15 11.68 22.99
CA LYS B 401 15.88 10.37 23.55
C LYS B 401 14.42 10.08 23.39
N CYS B 402 14.05 8.85 23.09
CA CYS B 402 12.66 8.60 22.86
C CYS B 402 11.99 9.10 24.12
N ILE B 403 11.04 10.01 23.91
CA ILE B 403 10.09 10.37 24.94
C ILE B 403 9.11 9.21 25.13
N GLY B 404 9.04 8.34 24.13
CA GLY B 404 8.12 7.24 24.14
C GLY B 404 8.49 6.11 25.07
N GLN B 405 9.77 5.82 25.18
CA GLN B 405 10.18 4.48 25.56
C GLN B 405 9.52 3.94 26.81
N LYS B 406 9.42 4.78 27.83
CA LYS B 406 8.97 4.30 29.11
C LYS B 406 7.60 3.64 29.01
N PHE B 407 6.69 4.25 28.26
CA PHE B 407 5.36 3.73 28.18
C PHE B 407 5.43 2.38 27.54
N ALA B 408 6.22 2.31 26.49
CA ALA B 408 6.23 1.12 25.68
C ALA B 408 6.69 -0.07 26.51
N LEU B 409 7.78 0.10 27.24
CA LEU B 409 8.38 -1.05 27.91
C LEU B 409 7.39 -1.60 28.90
N LEU B 410 6.65 -0.71 29.52
CA LEU B 410 5.59 -1.13 30.40
C LEU B 410 4.66 -1.96 29.56
N GLN B 411 4.32 -1.41 28.40
CA GLN B 411 3.44 -2.08 27.51
C GLN B 411 3.97 -3.46 27.23
N VAL B 412 5.20 -3.52 26.76
CA VAL B 412 5.77 -4.79 26.33
C VAL B 412 5.81 -5.71 27.53
N LYS B 413 6.30 -5.19 28.65
CA LYS B 413 6.41 -6.03 29.83
C LYS B 413 5.06 -6.50 30.38
N THR B 414 4.05 -5.67 30.35
CA THR B 414 2.76 -6.15 30.74
C THR B 414 2.39 -7.28 29.83
N ILE B 415 2.62 -7.07 28.54
CA ILE B 415 2.22 -8.07 27.57
C ILE B 415 3.00 -9.36 27.79
N LEU B 416 4.31 -9.23 27.92
CA LEU B 416 5.15 -10.40 28.05
C LEU B 416 4.66 -11.19 29.22
N ALA B 417 4.51 -10.49 30.33
CA ALA B 417 4.25 -11.17 31.58
C ALA B 417 2.94 -11.91 31.50
N THR B 418 1.91 -11.24 31.00
CA THR B 418 0.59 -11.82 31.02
C THR B 418 0.57 -13.11 30.22
N ALA B 419 1.17 -13.06 29.04
CA ALA B 419 1.08 -14.17 28.11
C ALA B 419 1.80 -15.40 28.63
N PHE B 420 3.10 -15.24 28.91
CA PHE B 420 3.95 -16.38 29.24
C PHE B 420 3.51 -17.11 30.51
N ARG B 421 2.96 -16.41 31.48
CA ARG B 421 2.53 -17.06 32.71
C ARG B 421 1.48 -18.10 32.34
N GLU B 422 0.52 -17.67 31.55
CA GLU B 422 -0.61 -18.51 31.18
C GLU B 422 -0.36 -19.52 30.07
N TYR B 423 0.26 -19.10 28.98
CA TYR B 423 0.26 -19.88 27.76
C TYR B 423 1.68 -20.29 27.38
N ASP B 424 1.83 -21.34 26.58
CA ASP B 424 3.16 -21.74 26.10
C ASP B 424 3.26 -21.72 24.59
N PHE B 425 4.39 -21.24 24.10
CA PHE B 425 4.57 -21.02 22.68
C PHE B 425 5.75 -21.80 22.10
N GLN B 426 5.51 -22.45 20.96
CA GLN B 426 6.55 -23.20 20.28
C GLN B 426 6.84 -22.55 18.95
N LEU B 427 8.11 -22.32 18.65
CA LEU B 427 8.44 -21.77 17.35
C LEU B 427 8.29 -22.83 16.25
N LEU B 428 7.58 -22.48 15.18
CA LEU B 428 7.27 -23.43 14.12
C LEU B 428 8.22 -23.25 12.98
N ARG B 429 9.43 -22.87 13.34
CA ARG B 429 10.55 -22.79 12.41
C ARG B 429 11.78 -23.22 13.16
N ASP B 430 12.83 -23.60 12.43
CA ASP B 430 14.12 -23.98 13.03
C ASP B 430 14.81 -22.74 13.59
N GLU B 431 15.03 -21.76 12.72
CA GLU B 431 15.76 -20.55 13.09
C GLU B 431 14.84 -19.57 13.81
N VAL B 432 15.33 -18.36 14.00
CA VAL B 432 14.53 -17.26 14.50
C VAL B 432 14.29 -16.34 13.32
N PRO B 433 13.05 -15.81 13.14
CA PRO B 433 12.82 -15.24 11.82
C PRO B 433 13.81 -14.17 11.44
N ASP B 434 14.01 -14.01 10.14
CA ASP B 434 14.83 -12.95 9.62
C ASP B 434 14.13 -11.62 9.78
N PRO B 435 14.90 -10.57 10.02
CA PRO B 435 14.37 -9.23 9.95
C PRO B 435 13.99 -8.94 8.52
N ASP B 436 12.89 -8.25 8.31
CA ASP B 436 12.40 -7.96 6.99
C ASP B 436 12.64 -6.50 6.67
N TYR B 437 13.72 -6.22 5.95
CA TYR B 437 14.25 -4.88 5.87
C TYR B 437 13.49 -4.02 4.88
N HIS B 438 12.43 -4.54 4.29
CA HIS B 438 11.78 -3.81 3.24
C HIS B 438 10.50 -3.10 3.70
N THR B 439 10.37 -2.91 5.00
CA THR B 439 9.32 -2.10 5.58
C THR B 439 9.92 -0.94 6.33
N MET B 440 9.10 0.08 6.56
CA MET B 440 9.53 1.31 7.20
C MET B 440 10.03 1.03 8.61
N VAL B 441 9.25 0.26 9.33
CA VAL B 441 9.60 -0.13 10.66
C VAL B 441 9.91 -1.61 10.57
N VAL B 442 11.13 -1.98 10.92
CA VAL B 442 11.65 -3.26 10.54
C VAL B 442 11.41 -4.32 11.59
N GLY B 443 10.72 -5.36 11.17
CA GLY B 443 10.28 -6.38 12.10
C GLY B 443 10.54 -7.74 11.55
N PRO B 444 10.34 -8.78 12.39
CA PRO B 444 10.62 -10.08 11.84
C PRO B 444 9.62 -10.33 10.75
N THR B 445 10.03 -11.15 9.79
CA THR B 445 9.24 -11.37 8.60
C THR B 445 7.88 -11.92 8.93
N LEU B 446 6.88 -11.46 8.21
CA LEU B 446 5.52 -11.69 8.61
C LEU B 446 5.20 -13.16 8.65
N ASN B 447 5.63 -13.88 7.63
CA ASN B 447 5.12 -15.23 7.43
C ASN B 447 6.01 -16.31 8.01
N GLN B 448 7.01 -15.90 8.76
CA GLN B 448 7.79 -16.86 9.51
C GLN B 448 7.30 -16.92 10.94
N CYS B 449 6.29 -16.12 11.23
CA CYS B 449 5.91 -15.87 12.62
C CYS B 449 4.76 -16.76 13.07
N LEU B 450 4.38 -17.74 12.26
CA LEU B 450 3.32 -18.64 12.70
C LEU B 450 3.83 -19.33 13.93
N VAL B 451 2.98 -19.48 14.92
CA VAL B 451 3.44 -20.00 16.18
C VAL B 451 2.34 -20.79 16.86
N LYS B 452 2.77 -21.75 17.68
CA LYS B 452 1.85 -22.63 18.37
C LYS B 452 1.75 -22.25 19.83
N TYR B 453 0.51 -22.05 20.26
CA TYR B 453 0.19 -21.60 21.60
C TYR B 453 -0.49 -22.73 22.35
N THR B 454 -0.12 -22.95 23.60
CA THR B 454 -0.84 -23.93 24.41
C THR B 454 -1.22 -23.31 25.75
N ARG B 455 -2.50 -23.39 26.11
CA ARG B 455 -2.95 -22.82 27.37
C ARG B 455 -2.31 -23.59 28.49
N LYS B 456 -1.79 -22.89 29.48
CA LYS B 456 -1.09 -23.57 30.58
C LYS B 456 -2.10 -24.17 31.54
#